data_3Q39
#
_entry.id   3Q39
#
_cell.length_a   65.117
_cell.length_b   78.768
_cell.length_c   69.490
_cell.angle_alpha   90.00
_cell.angle_beta   99.93
_cell.angle_gamma   90.00
#
_symmetry.space_group_name_H-M   'P 1 21 1'
#
loop_
_entity.id
_entity.type
_entity.pdbx_description
1 polymer 'Capsid protein'
2 branched alpha-L-fucopyranose-(1-2)-beta-D-galactopyranose
3 non-polymer 1,2-ETHANEDIOL
4 non-polymer IMIDAZOLE
5 water water
#
_entity_poly.entity_id   1
_entity_poly.type   'polypeptide(L)'
_entity_poly.pdbx_seq_one_letter_code
;GPGSSKPFTLPILTLGELTNSRFPLPIDVLYTNPNESAIVQCQNGRCTLDGELQGTTQLLPTGICAFRGKVTQQVQDEHR
GTHWNMTVTNLNGTPFDPTEDVPAPLGTPDFSGQIYGVISQRNTNTVPGEGNLPANRAHEAVIATYSPKFTPKLGNIQFS
TWETQDVSSGQPTKFTPVGLASVDANSHFDQWTLPSYSGALTLNMNLAPSVAPVFPGECLLFFRSFIPLKGGYGNPAIDC
LMPQEWVQHLYQESAPSLSDVALVRYVNPETGRTLFEAKLHRNGFLTVARNSAGPVVAPTNGYFRFDSWVNQFYTLAPM
;
_entity_poly.pdbx_strand_id   A,B
#
loop_
_chem_comp.id
_chem_comp.type
_chem_comp.name
_chem_comp.formula
EDO non-polymer 1,2-ETHANEDIOL 'C2 H6 O2'
FUC L-saccharide, alpha linking alpha-L-fucopyranose 'C6 H12 O5'
GAL D-saccharide, beta linking beta-D-galactopyranose 'C6 H12 O6'
IMD non-polymer IMIDAZOLE 'C3 H5 N2 1'
#
# COMPACT_ATOMS: atom_id res chain seq x y z
N SER A 5 0.19 -6.88 32.78
CA SER A 5 -0.11 -6.09 31.59
C SER A 5 0.93 -6.27 30.49
N LYS A 6 0.45 -6.66 29.30
CA LYS A 6 1.34 -6.80 28.15
C LYS A 6 2.11 -5.49 27.93
N PRO A 7 3.44 -5.55 27.87
CA PRO A 7 4.17 -4.27 27.73
C PRO A 7 3.88 -3.54 26.42
N PHE A 8 3.79 -2.23 26.49
CA PHE A 8 3.57 -1.41 25.29
C PHE A 8 4.85 -1.33 24.51
N THR A 9 4.71 -1.40 23.17
CA THR A 9 5.86 -1.25 22.28
C THR A 9 5.47 -0.54 21.00
N LEU A 10 6.48 0.01 20.33
CA LEU A 10 6.31 0.52 18.97
C LEU A 10 7.10 -0.38 18.02
N PRO A 11 6.75 -0.38 16.71
CA PRO A 11 7.67 -1.04 15.77
C PRO A 11 9.04 -0.40 15.73
N ILE A 12 10.06 -1.09 15.26
CA ILE A 12 11.39 -0.52 15.09
C ILE A 12 11.70 -0.18 13.59
N LEU A 13 11.37 1.07 13.18
CA LEU A 13 11.26 1.52 11.75
C LEU A 13 11.79 2.89 11.67
N THR A 14 12.71 3.03 10.78
CA THR A 14 13.25 4.25 10.54
C THR A 14 12.16 4.90 9.72
N LEU A 15 12.38 6.15 9.59
CA LEU A 15 11.46 6.98 8.94
C LEU A 15 11.32 6.53 7.48
N GLY A 16 12.42 6.02 6.90
CA GLY A 16 12.45 5.51 5.54
C GLY A 16 11.82 4.15 5.31
N GLU A 17 11.26 3.61 6.40
CA GLU A 17 10.54 2.35 6.40
C GLU A 17 9.10 2.51 6.80
N LEU A 18 8.57 3.73 6.79
CA LEU A 18 7.20 4.00 7.24
C LEU A 18 6.38 4.61 6.11
N THR A 19 5.09 4.41 6.19
CA THR A 19 4.15 4.97 5.21
C THR A 19 3.05 5.78 5.90
N ASN A 20 2.51 6.73 5.13
CA ASN A 20 1.45 7.61 5.64
C ASN A 20 0.15 6.85 5.82
N SER A 21 -0.56 7.21 6.89
CA SER A 21 -1.86 6.59 7.16
C SER A 21 -3.02 7.34 6.53
N ARG A 22 -2.78 8.47 5.87
CA ARG A 22 -3.86 9.28 5.29
C ARG A 22 -3.81 9.33 3.78
N PHE A 23 -2.73 8.88 3.15
CA PHE A 23 -2.66 8.74 1.70
C PHE A 23 -1.55 7.72 1.43
N PRO A 24 -1.60 6.96 0.30
CA PRO A 24 -0.61 5.89 0.08
C PRO A 24 0.74 6.50 -0.41
N LEU A 25 1.53 6.96 0.56
CA LEU A 25 2.78 7.65 0.27
C LEU A 25 3.77 7.22 1.33
N PRO A 26 5.06 7.20 1.04
CA PRO A 26 6.08 6.97 2.08
C PRO A 26 6.12 8.20 3.00
N ILE A 27 6.53 8.05 4.24
CA ILE A 27 6.85 9.21 5.08
C ILE A 27 8.13 9.82 4.57
N ASP A 28 8.10 11.13 4.34
CA ASP A 28 9.29 11.87 3.86
C ASP A 28 10.01 12.58 5.00
N VAL A 29 9.29 13.22 5.95
CA VAL A 29 9.98 14.01 7.00
C VAL A 29 9.05 14.10 8.19
N LEU A 30 9.60 14.29 9.40
CA LEU A 30 8.81 14.75 10.53
C LEU A 30 8.60 16.27 10.42
N TYR A 31 7.50 16.79 10.93
CA TYR A 31 7.13 18.18 10.66
C TYR A 31 6.33 18.78 11.79
N THR A 32 6.51 20.07 12.05
CA THR A 32 5.68 20.78 13.01
C THR A 32 5.12 22.05 12.37
N ASN A 33 4.03 22.55 12.95
CA ASN A 33 3.43 23.83 12.52
C ASN A 33 2.65 24.44 13.69
N PRO A 34 3.34 25.01 14.66
CA PRO A 34 2.67 25.38 15.93
C PRO A 34 1.61 26.43 15.81
N ASN A 35 1.66 27.23 14.75
CA ASN A 35 0.66 28.30 14.65
C ASN A 35 -0.54 27.96 13.80
N GLU A 36 -0.65 26.70 13.38
CA GLU A 36 -1.85 26.18 12.76
C GLU A 36 -3.13 26.67 13.43
N SER A 37 -4.01 27.28 12.65
CA SER A 37 -5.28 27.77 13.21
C SER A 37 -6.38 26.74 13.10
N ALA A 38 -6.25 25.77 12.19
CA ALA A 38 -7.32 24.78 12.02
C ALA A 38 -7.36 23.82 13.20
N ILE A 39 -8.55 23.32 13.45
CA ILE A 39 -8.76 22.16 14.30
C ILE A 39 -8.20 20.90 13.57
N VAL A 40 -7.34 20.16 14.23
CA VAL A 40 -6.75 18.93 13.62
C VAL A 40 -7.62 17.77 14.07
N GLN A 41 -8.35 17.19 13.10
CA GLN A 41 -9.32 16.14 13.41
C GLN A 41 -9.44 15.19 12.23
N CYS A 42 -8.28 14.74 11.75
CA CYS A 42 -8.26 13.74 10.70
C CYS A 42 -8.87 12.44 11.15
N GLN A 43 -9.38 11.67 10.16
CA GLN A 43 -10.16 10.47 10.42
C GLN A 43 -9.49 9.18 9.99
N ASN A 44 -8.50 9.27 9.09
CA ASN A 44 -7.60 8.15 8.77
C ASN A 44 -6.35 8.24 9.62
N GLY A 45 -5.71 7.10 9.89
CA GLY A 45 -4.59 7.07 10.79
C GLY A 45 -4.93 7.38 12.24
N ARG A 46 -6.08 6.89 12.70
CA ARG A 46 -6.57 7.16 14.08
C ARG A 46 -6.68 5.87 14.81
N CYS A 47 -5.85 5.73 15.84
CA CYS A 47 -5.83 4.49 16.64
C CYS A 47 -5.31 4.82 18.01
N THR A 48 -6.02 4.38 19.04
CA THR A 48 -5.50 4.60 20.40
C THR A 48 -4.29 3.71 20.67
N LEU A 49 -3.52 4.06 21.69
CA LEU A 49 -2.36 3.27 22.05
C LEU A 49 -2.69 1.84 22.46
N ASP A 50 -3.92 1.63 22.93
CA ASP A 50 -4.34 0.28 23.24
C ASP A 50 -5.05 -0.43 22.12
N GLY A 51 -4.99 0.11 20.88
CA GLY A 51 -5.34 -0.62 19.67
C GLY A 51 -6.75 -0.43 19.18
N GLU A 52 -7.46 0.59 19.63
CA GLU A 52 -8.82 0.87 19.13
C GLU A 52 -8.78 1.80 17.91
N LEU A 53 -9.19 1.27 16.77
CA LEU A 53 -9.26 2.07 15.55
C LEU A 53 -10.39 3.03 15.69
N GLN A 54 -10.20 4.25 15.16
CA GLN A 54 -11.21 5.26 15.25
C GLN A 54 -11.43 5.94 13.89
N GLY A 55 -12.47 6.78 13.79
CA GLY A 55 -12.73 7.49 12.54
C GLY A 55 -13.07 6.53 11.41
N THR A 56 -12.44 6.74 10.25
CA THR A 56 -12.57 5.87 9.09
C THR A 56 -11.36 4.96 8.94
N THR A 57 -10.60 4.79 10.01
CA THR A 57 -9.35 4.04 9.90
C THR A 57 -9.52 2.54 9.67
N GLN A 58 -8.78 2.02 8.71
CA GLN A 58 -8.71 0.60 8.45
C GLN A 58 -7.24 0.22 8.28
N LEU A 59 -6.99 -1.07 8.19
CA LEU A 59 -5.61 -1.56 8.31
C LEU A 59 -4.88 -1.63 7.01
N LEU A 60 -5.53 -1.72 5.85
CA LEU A 60 -4.81 -1.95 4.61
C LEU A 60 -4.19 -0.70 4.05
N PRO A 61 -2.90 -0.74 3.70
CA PRO A 61 -2.32 0.43 3.00
C PRO A 61 -3.03 0.67 1.69
N THR A 62 -3.56 -0.35 1.04
CA THR A 62 -4.27 -0.21 -0.23
C THR A 62 -5.68 0.34 -0.05
N GLY A 63 -6.15 0.43 1.16
CA GLY A 63 -7.54 0.91 1.41
C GLY A 63 -7.60 2.39 1.67
N ILE A 64 -6.46 3.05 1.90
CA ILE A 64 -6.46 4.45 2.29
C ILE A 64 -6.85 5.32 1.09
N CYS A 65 -7.94 6.09 1.17
CA CYS A 65 -8.45 6.90 0.06
C CYS A 65 -8.89 6.05 -1.13
N ALA A 66 -9.19 4.79 -0.90
CA ALA A 66 -9.73 3.90 -1.94
C ALA A 66 -11.23 3.85 -1.86
N PHE A 67 -11.85 3.54 -3.02
CA PHE A 67 -13.26 3.15 -3.03
C PHE A 67 -13.47 1.93 -3.88
N ARG A 68 -14.54 1.22 -3.56
CA ARG A 68 -15.01 0.08 -4.33
CA ARG A 68 -15.03 0.07 -4.33
C ARG A 68 -16.52 0.24 -4.48
N GLY A 69 -17.05 -0.08 -5.62
CA GLY A 69 -18.50 0.02 -5.84
C GLY A 69 -18.81 -0.27 -7.28
N LYS A 70 -19.84 0.42 -7.80
CA LYS A 70 -20.27 0.23 -9.18
C LYS A 70 -20.71 1.55 -9.75
N VAL A 71 -20.30 1.87 -10.96
CA VAL A 71 -20.85 3.04 -11.63
C VAL A 71 -22.34 2.81 -11.91
N THR A 72 -23.16 3.80 -11.67
CA THR A 72 -24.58 3.68 -12.06
C THR A 72 -24.81 4.33 -13.40
N GLN A 73 -24.42 5.58 -13.58
CA GLN A 73 -24.65 6.27 -14.86
C GLN A 73 -23.75 7.47 -14.99
N GLN A 74 -23.58 7.97 -16.19
CA GLN A 74 -23.03 9.30 -16.43
C GLN A 74 -23.97 10.37 -15.90
N VAL A 75 -23.44 11.47 -15.37
CA VAL A 75 -24.28 12.56 -14.84
C VAL A 75 -23.79 13.88 -15.36
N GLN A 76 -24.73 14.83 -15.46
CA GLN A 76 -24.35 16.18 -15.82
C GLN A 76 -23.86 16.84 -14.53
N ASP A 77 -22.92 17.76 -14.70
CA ASP A 77 -22.37 18.51 -13.59
C ASP A 77 -21.83 19.75 -14.28
N GLU A 78 -22.11 20.93 -13.72
CA GLU A 78 -21.69 22.18 -14.34
C GLU A 78 -20.19 22.20 -14.60
N HIS A 79 -19.44 21.54 -13.73
CA HIS A 79 -18.00 21.55 -13.84
C HIS A 79 -17.47 20.81 -15.06
N ARG A 80 -16.27 21.19 -15.46
CA ARG A 80 -15.58 20.62 -16.60
C ARG A 80 -15.36 19.10 -16.47
N GLY A 81 -15.47 18.36 -17.58
CA GLY A 81 -15.15 16.93 -17.48
C GLY A 81 -16.40 16.12 -17.76
N THR A 82 -16.22 14.82 -17.73
CA THR A 82 -17.32 13.93 -17.87
C THR A 82 -17.50 13.36 -16.48
N HIS A 83 -18.71 13.31 -15.98
CA HIS A 83 -18.97 12.91 -14.58
C HIS A 83 -19.74 11.62 -14.50
N TRP A 84 -19.53 10.88 -13.43
CA TRP A 84 -20.06 9.55 -13.28
C TRP A 84 -20.48 9.40 -11.86
N ASN A 85 -21.65 8.83 -11.63
CA ASN A 85 -22.03 8.46 -10.28
C ASN A 85 -21.64 7.04 -9.95
N MET A 86 -21.11 6.78 -8.75
CA MET A 86 -20.88 5.42 -8.36
C MET A 86 -21.41 5.13 -6.97
N THR A 87 -22.11 4.01 -6.83
CA THR A 87 -22.36 3.53 -5.49
C THR A 87 -21.10 3.03 -4.88
N VAL A 88 -20.95 3.12 -3.56
CA VAL A 88 -19.79 2.56 -2.90
C VAL A 88 -20.19 1.55 -1.84
N THR A 89 -19.47 0.46 -1.77
CA THR A 89 -19.61 -0.54 -0.72
C THR A 89 -18.50 -0.38 0.31
N ASN A 90 -18.51 -1.24 1.33
CA ASN A 90 -17.31 -1.40 2.12
C ASN A 90 -16.16 -1.87 1.20
N LEU A 91 -14.92 -1.63 1.58
CA LEU A 91 -13.84 -2.13 0.76
C LEU A 91 -13.83 -3.62 0.62
N ASN A 92 -14.38 -4.35 1.59
CA ASN A 92 -14.38 -5.83 1.43
C ASN A 92 -15.52 -6.31 0.55
N GLY A 93 -16.30 -5.40 -0.02
CA GLY A 93 -17.34 -5.77 -1.00
C GLY A 93 -18.71 -5.89 -0.38
N THR A 94 -18.82 -5.97 0.96
CA THR A 94 -20.13 -6.08 1.61
C THR A 94 -20.82 -4.70 1.55
N PRO A 95 -22.17 -4.68 1.58
CA PRO A 95 -22.84 -3.40 1.52
C PRO A 95 -22.50 -2.53 2.71
N PHE A 96 -22.32 -1.24 2.47
CA PHE A 96 -22.09 -0.31 3.56
C PHE A 96 -23.41 -0.05 4.27
N ASP A 97 -23.37 -0.24 5.59
CA ASP A 97 -24.54 -0.06 6.43
C ASP A 97 -24.40 1.29 7.11
N PRO A 98 -25.21 2.28 6.70
CA PRO A 98 -25.09 3.64 7.26
C PRO A 98 -25.47 3.68 8.74
N THR A 99 -26.03 2.60 9.29
CA THR A 99 -26.38 2.63 10.71
C THR A 99 -25.22 2.27 11.62
N GLU A 100 -24.12 1.78 11.03
CA GLU A 100 -22.93 1.52 11.82
C GLU A 100 -22.33 2.83 12.30
N ASP A 101 -21.69 2.74 13.45
CA ASP A 101 -21.14 3.94 14.12
C ASP A 101 -19.74 4.35 13.59
N VAL A 102 -19.72 4.70 12.30
CA VAL A 102 -18.51 5.23 11.63
C VAL A 102 -18.94 6.43 10.85
N PRO A 103 -17.96 7.29 10.51
CA PRO A 103 -18.37 8.50 9.75
C PRO A 103 -18.76 8.23 8.31
N ALA A 104 -18.22 7.13 7.77
CA ALA A 104 -18.27 6.82 6.32
C ALA A 104 -17.60 5.48 6.18
N PRO A 105 -17.67 4.88 4.98
CA PRO A 105 -16.94 3.60 4.81
C PRO A 105 -15.49 3.76 5.20
N LEU A 106 -14.93 2.73 5.84
CA LEU A 106 -13.52 2.83 6.21
C LEU A 106 -12.69 3.02 4.96
N GLY A 107 -11.67 3.87 5.10
CA GLY A 107 -10.76 4.22 4.02
C GLY A 107 -11.18 5.48 3.25
N THR A 108 -12.42 5.96 3.41
CA THR A 108 -12.86 7.19 2.73
C THR A 108 -11.87 8.32 3.01
N PRO A 109 -11.56 9.13 2.01
CA PRO A 109 -10.68 10.28 2.27
C PRO A 109 -11.17 11.17 3.40
N ASP A 110 -10.23 11.78 4.12
CA ASP A 110 -10.57 12.62 5.26
C ASP A 110 -10.21 14.06 5.09
N PHE A 111 -10.10 14.56 3.87
CA PHE A 111 -9.75 15.98 3.62
C PHE A 111 -10.47 16.48 2.42
N SER A 112 -10.62 17.79 2.36
CA SER A 112 -11.14 18.53 1.22
C SER A 112 -10.07 18.66 0.15
N GLY A 113 -10.43 18.26 -1.07
CA GLY A 113 -9.57 18.46 -2.24
C GLY A 113 -10.04 17.70 -3.45
N GLN A 114 -9.28 17.82 -4.53
CA GLN A 114 -9.54 17.08 -5.76
C GLN A 114 -8.56 15.92 -5.77
N ILE A 115 -9.02 14.75 -5.39
CA ILE A 115 -8.14 13.57 -5.34
C ILE A 115 -8.07 12.92 -6.70
N TYR A 116 -6.86 12.80 -7.23
CA TYR A 116 -6.58 12.22 -8.54
C TYR A 116 -6.20 10.78 -8.39
N GLY A 117 -6.70 9.94 -9.29
CA GLY A 117 -6.28 8.55 -9.32
C GLY A 117 -6.80 7.87 -10.55
N VAL A 118 -7.00 6.57 -10.44
CA VAL A 118 -7.42 5.77 -11.61
C VAL A 118 -8.68 5.00 -11.20
N ILE A 119 -9.71 5.12 -12.02
CA ILE A 119 -10.87 4.23 -11.93
C ILE A 119 -10.64 3.06 -12.87
N SER A 120 -10.82 1.84 -12.36
CA SER A 120 -10.74 0.64 -13.17
C SER A 120 -11.97 -0.20 -12.99
N GLN A 121 -12.30 -0.96 -14.01
CA GLN A 121 -13.50 -1.82 -14.00
C GLN A 121 -13.15 -3.17 -14.55
N ARG A 122 -13.70 -4.22 -13.94
CA ARG A 122 -13.70 -5.57 -14.47
C ARG A 122 -15.13 -6.07 -14.49
N ASN A 123 -15.63 -6.32 -15.69
CA ASN A 123 -17.06 -6.61 -15.82
C ASN A 123 -17.42 -7.89 -15.10
N THR A 124 -18.70 -7.96 -14.70
CA THR A 124 -19.23 -9.17 -14.05
C THR A 124 -19.48 -10.25 -15.07
N ASN A 125 -20.05 -9.87 -16.21
CA ASN A 125 -20.41 -10.81 -17.27
C ASN A 125 -19.17 -11.15 -18.10
N THR A 126 -19.10 -12.40 -18.56
CA THR A 126 -17.92 -12.86 -19.27
C THR A 126 -18.31 -13.26 -20.67
N VAL A 127 -17.32 -13.43 -21.55
CA VAL A 127 -17.60 -13.79 -22.94
C VAL A 127 -17.04 -15.19 -23.23
N PRO A 128 -17.89 -16.09 -23.73
CA PRO A 128 -17.42 -17.45 -24.04
C PRO A 128 -16.25 -17.45 -25.03
N GLY A 129 -16.38 -16.71 -26.13
CA GLY A 129 -15.33 -16.60 -27.14
C GLY A 129 -14.04 -15.94 -26.65
N GLU A 130 -14.08 -15.36 -25.46
CA GLU A 130 -12.89 -14.78 -24.81
C GLU A 130 -12.40 -15.67 -23.67
N GLY A 131 -12.81 -16.95 -23.70
CA GLY A 131 -12.38 -17.91 -22.69
C GLY A 131 -13.14 -17.76 -21.39
N ASN A 132 -14.38 -17.29 -21.53
CA ASN A 132 -15.22 -16.97 -20.38
C ASN A 132 -14.54 -15.93 -19.47
N LEU A 133 -13.96 -14.91 -20.09
CA LEU A 133 -13.26 -13.83 -19.38
C LEU A 133 -13.96 -12.48 -19.58
N PRO A 134 -13.87 -11.61 -18.61
CA PRO A 134 -14.57 -10.32 -18.67
C PRO A 134 -13.75 -9.22 -19.37
N ALA A 135 -14.46 -8.23 -19.89
CA ALA A 135 -13.88 -7.01 -20.43
C ALA A 135 -13.50 -6.07 -19.29
N ASN A 136 -12.51 -5.20 -19.56
CA ASN A 136 -11.94 -4.31 -18.59
C ASN A 136 -11.69 -2.91 -19.18
N ARG A 137 -11.63 -1.92 -18.31
CA ARG A 137 -11.15 -0.61 -18.70
C ARG A 137 -10.65 0.14 -17.51
N ALA A 138 -9.78 1.11 -17.72
CA ALA A 138 -9.35 2.01 -16.65
C ALA A 138 -9.10 3.38 -17.27
N HIS A 139 -9.34 4.42 -16.47
CA HIS A 139 -9.07 5.80 -16.87
C HIS A 139 -8.70 6.65 -15.69
N GLU A 140 -7.93 7.70 -15.92
CA GLU A 140 -7.71 8.69 -14.90
C GLU A 140 -9.03 9.31 -14.44
N ALA A 141 -9.06 9.69 -13.18
CA ALA A 141 -10.31 10.22 -12.58
C ALA A 141 -9.97 11.15 -11.47
N VAL A 142 -10.93 12.01 -11.13
CA VAL A 142 -10.79 12.96 -10.02
C VAL A 142 -12.05 12.83 -9.17
N ILE A 143 -11.88 12.83 -7.85
CA ILE A 143 -12.98 12.87 -6.86
C ILE A 143 -12.82 14.15 -6.07
N ALA A 144 -13.75 15.10 -6.24
CA ALA A 144 -13.74 16.34 -5.47
C ALA A 144 -14.48 16.07 -4.13
N THR A 145 -13.76 15.98 -3.03
CA THR A 145 -14.41 15.53 -1.79
C THR A 145 -15.20 16.65 -1.13
N TYR A 146 -15.09 17.88 -1.61
CA TYR A 146 -15.91 19.01 -1.17
C TYR A 146 -17.19 19.14 -1.99
N SER A 147 -17.40 18.32 -3.01
CA SER A 147 -18.60 18.41 -3.86
C SER A 147 -19.85 17.99 -3.05
N PRO A 148 -21.01 18.64 -3.33
CA PRO A 148 -22.25 18.13 -2.73
C PRO A 148 -22.59 16.71 -3.16
N LYS A 149 -21.97 16.22 -4.25
CA LYS A 149 -22.19 14.85 -4.69
C LYS A 149 -21.26 13.86 -4.04
N PHE A 150 -20.37 14.31 -3.15
CA PHE A 150 -19.51 13.39 -2.41
C PHE A 150 -20.27 13.00 -1.15
N THR A 151 -20.96 11.86 -1.20
CA THR A 151 -21.80 11.43 -0.09
C THR A 151 -21.53 9.99 0.29
N PRO A 152 -20.28 9.66 0.60
CA PRO A 152 -19.94 8.27 0.90
C PRO A 152 -20.74 7.64 2.07
N LYS A 153 -21.12 8.44 3.09
CA LYS A 153 -21.92 7.85 4.18
C LYS A 153 -23.30 7.45 3.67
N LEU A 154 -23.75 8.01 2.56
CA LEU A 154 -25.00 7.60 1.91
C LEU A 154 -24.77 6.56 0.84
N GLY A 155 -23.54 6.07 0.71
CA GLY A 155 -23.27 5.01 -0.24
C GLY A 155 -23.11 5.48 -1.69
N ASN A 156 -22.81 6.75 -1.93
CA ASN A 156 -22.73 7.22 -3.32
C ASN A 156 -21.73 8.33 -3.43
N ILE A 157 -20.87 8.30 -4.45
CA ILE A 157 -19.97 9.44 -4.72
C ILE A 157 -19.98 9.68 -6.21
N GLN A 158 -19.37 10.76 -6.64
CA GLN A 158 -19.19 11.02 -8.09
C GLN A 158 -17.72 11.20 -8.40
N PHE A 159 -17.30 10.81 -9.59
CA PHE A 159 -15.96 11.15 -10.04
C PHE A 159 -16.03 11.71 -11.43
N SER A 160 -15.01 12.42 -11.82
CA SER A 160 -14.91 12.94 -13.18
C SER A 160 -13.73 12.37 -13.94
N THR A 161 -13.88 12.27 -15.24
CA THR A 161 -12.84 11.75 -16.11
C THR A 161 -12.57 12.75 -17.20
N TRP A 162 -11.38 12.67 -17.78
CA TRP A 162 -11.05 13.25 -19.08
C TRP A 162 -11.68 12.43 -20.19
N GLU A 163 -11.63 11.10 -20.04
CA GLU A 163 -12.30 10.22 -20.97
C GLU A 163 -13.77 10.57 -21.07
N THR A 164 -14.30 10.63 -22.28
CA THR A 164 -15.67 11.08 -22.43
C THR A 164 -16.74 9.99 -22.51
N GLN A 165 -16.35 8.73 -22.73
CA GLN A 165 -17.40 7.71 -22.91
C GLN A 165 -17.12 6.32 -22.33
N ASP A 166 -15.85 5.95 -22.20
CA ASP A 166 -15.45 4.56 -21.94
C ASP A 166 -15.46 4.19 -20.45
N VAL A 167 -16.59 4.39 -19.79
CA VAL A 167 -16.81 3.95 -18.40
C VAL A 167 -18.17 3.24 -18.46
N SER A 168 -18.27 2.03 -17.94
CA SER A 168 -19.48 1.23 -18.12
C SER A 168 -20.39 1.26 -16.92
N SER A 169 -21.68 1.38 -17.21
CA SER A 169 -22.67 1.36 -16.11
C SER A 169 -22.87 -0.05 -15.58
N GLY A 170 -23.13 -0.15 -14.29
CA GLY A 170 -23.43 -1.39 -13.62
C GLY A 170 -22.30 -2.39 -13.43
N GLN A 171 -21.06 -1.96 -13.62
CA GLN A 171 -19.92 -2.88 -13.52
C GLN A 171 -19.05 -2.53 -12.30
N PRO A 172 -18.48 -3.57 -11.70
CA PRO A 172 -17.59 -3.40 -10.54
C PRO A 172 -16.48 -2.39 -10.86
N THR A 173 -16.26 -1.48 -9.91
CA THR A 173 -15.39 -0.33 -10.11
C THR A 173 -14.50 -0.14 -8.88
N LYS A 174 -13.24 0.16 -9.13
CA LYS A 174 -12.22 0.42 -8.12
C LYS A 174 -11.62 1.79 -8.33
N PHE A 175 -11.44 2.58 -7.27
CA PHE A 175 -10.64 3.79 -7.35
C PHE A 175 -9.32 3.58 -6.67
N THR A 176 -8.22 3.72 -7.43
CA THR A 176 -6.85 3.66 -6.89
C THR A 176 -6.36 5.10 -6.79
N PRO A 177 -6.14 5.62 -5.58
CA PRO A 177 -5.66 7.00 -5.44
C PRO A 177 -4.21 7.14 -5.87
N VAL A 178 -3.86 8.28 -6.44
CA VAL A 178 -2.49 8.55 -6.87
C VAL A 178 -1.98 9.87 -6.29
N GLY A 179 -2.78 10.93 -6.29
CA GLY A 179 -2.34 12.24 -5.77
C GLY A 179 -3.47 13.21 -5.76
N LEU A 180 -3.15 14.47 -6.06
CA LEU A 180 -4.16 15.54 -6.14
C LEU A 180 -4.20 16.00 -7.57
N ALA A 181 -5.38 16.51 -7.99
CA ALA A 181 -5.49 17.03 -9.34
C ALA A 181 -4.88 18.41 -9.49
N SER A 182 -4.98 19.21 -8.41
CA SER A 182 -4.57 20.61 -8.40
C SER A 182 -4.54 21.05 -6.98
N VAL A 183 -3.76 22.11 -6.68
CA VAL A 183 -3.90 22.81 -5.41
C VAL A 183 -4.13 24.29 -5.64
N ASP A 184 -4.68 24.64 -6.78
CA ASP A 184 -5.08 26.06 -6.99
C ASP A 184 -6.17 26.40 -5.97
N ALA A 185 -6.39 27.70 -5.73
CA ALA A 185 -7.46 28.07 -4.78
C ALA A 185 -8.82 27.49 -5.18
N ASN A 186 -9.07 27.45 -6.47
CA ASN A 186 -10.30 26.87 -6.95
C ASN A 186 -10.50 25.38 -6.76
N SER A 187 -9.47 24.67 -6.25
CA SER A 187 -9.58 23.22 -6.05
C SER A 187 -9.73 22.85 -4.58
N HIS A 188 -9.82 23.85 -3.71
CA HIS A 188 -10.24 23.63 -2.33
C HIS A 188 -9.46 22.57 -1.58
N PHE A 189 -8.15 22.58 -1.71
CA PHE A 189 -7.33 21.65 -0.97
C PHE A 189 -7.15 22.21 0.43
N ASP A 190 -7.58 21.48 1.44
CA ASP A 190 -7.30 21.85 2.81
C ASP A 190 -7.27 20.54 3.58
N GLN A 191 -6.05 20.15 3.99
CA GLN A 191 -5.92 18.83 4.59
C GLN A 191 -6.63 18.70 5.94
N TRP A 192 -6.99 19.80 6.60
CA TRP A 192 -7.65 19.72 7.89
C TRP A 192 -9.15 19.97 7.79
N THR A 193 -9.69 20.26 6.63
CA THR A 193 -11.14 20.41 6.47
C THR A 193 -11.72 19.07 6.14
N LEU A 194 -12.56 18.52 6.97
CA LEU A 194 -13.20 17.23 6.65
C LEU A 194 -14.22 17.36 5.55
N PRO A 195 -14.36 16.35 4.71
CA PRO A 195 -15.54 16.32 3.81
C PRO A 195 -16.83 16.28 4.65
N SER A 196 -17.92 16.67 4.00
CA SER A 196 -19.27 16.43 4.56
C SER A 196 -19.73 15.06 4.09
N TYR A 197 -19.56 14.03 4.93
CA TYR A 197 -19.70 12.66 4.43
C TYR A 197 -21.10 12.33 3.94
N SER A 198 -22.14 13.01 4.45
CA SER A 198 -23.50 12.81 3.94
C SER A 198 -24.01 13.94 3.05
N GLY A 199 -23.14 14.87 2.67
CA GLY A 199 -23.54 15.93 1.78
C GLY A 199 -23.56 17.31 2.36
N ALA A 200 -23.79 18.22 1.41
CA ALA A 200 -24.07 19.60 1.74
C ALA A 200 -25.12 19.76 2.84
N LEU A 201 -24.62 20.46 3.82
CA LEU A 201 -25.43 20.93 4.91
C LEU A 201 -25.70 19.94 6.03
N THR A 202 -25.10 18.77 6.03
CA THR A 202 -25.30 17.79 7.09
C THR A 202 -24.13 17.76 8.04
N LEU A 203 -24.37 17.32 9.24
CA LEU A 203 -23.35 17.20 10.23
C LEU A 203 -22.67 15.83 10.25
N ASN A 204 -21.36 15.79 10.21
CA ASN A 204 -20.67 14.52 10.30
C ASN A 204 -20.83 13.91 11.69
N MET A 205 -20.80 12.58 11.77
CA MET A 205 -20.95 11.91 13.05
C MET A 205 -19.92 10.82 13.25
N ASN A 206 -19.80 10.31 14.46
CA ASN A 206 -18.93 9.19 14.80
C ASN A 206 -17.48 9.51 14.57
N LEU A 207 -17.12 10.79 14.71
CA LEU A 207 -15.74 11.23 14.41
C LEU A 207 -14.75 10.80 15.46
N ALA A 208 -13.54 10.49 15.05
CA ALA A 208 -12.40 10.49 15.97
C ALA A 208 -12.21 11.94 16.47
N PRO A 209 -11.85 12.08 17.76
CA PRO A 209 -11.79 13.42 18.38
C PRO A 209 -10.64 14.24 17.84
N SER A 210 -10.78 15.56 18.00
CA SER A 210 -9.70 16.46 17.61
C SER A 210 -8.50 16.25 18.57
N VAL A 211 -7.31 16.65 18.13
CA VAL A 211 -6.09 16.52 18.89
C VAL A 211 -5.39 17.88 18.98
N ALA A 212 -4.73 18.06 20.11
CA ALA A 212 -4.02 19.30 20.38
C ALA A 212 -3.03 19.15 21.48
N PRO A 213 -2.02 20.03 21.51
CA PRO A 213 -1.16 20.09 22.69
C PRO A 213 -1.93 20.79 23.80
N VAL A 214 -1.63 20.44 25.03
CA VAL A 214 -2.31 21.12 26.13
C VAL A 214 -1.31 21.76 27.09
N PHE A 215 -0.03 21.54 26.83
CA PHE A 215 1.06 21.93 27.74
C PHE A 215 1.78 23.07 27.03
N PRO A 216 1.95 24.22 27.71
CA PRO A 216 2.58 25.35 27.02
C PRO A 216 3.96 25.02 26.47
N GLY A 217 4.28 25.54 25.28
CA GLY A 217 5.54 25.22 24.66
C GLY A 217 5.51 23.98 23.73
N GLU A 218 4.46 23.18 23.81
CA GLU A 218 4.35 21.96 23.01
C GLU A 218 3.55 22.24 21.75
N CYS A 219 3.87 21.49 20.70
CA CYS A 219 3.10 21.48 19.47
C CYS A 219 2.97 20.05 18.98
N LEU A 220 2.01 19.82 18.12
CA LEU A 220 1.89 18.51 17.49
C LEU A 220 3.10 18.22 16.61
N LEU A 221 3.44 16.94 16.54
CA LEU A 221 4.48 16.48 15.62
C LEU A 221 3.80 15.55 14.60
N PHE A 222 4.07 15.75 13.33
CA PHE A 222 3.44 14.98 12.26
C PHE A 222 4.44 14.20 11.46
N PHE A 223 3.93 13.13 10.84
CA PHE A 223 4.66 12.37 9.84
C PHE A 223 4.17 12.89 8.47
N ARG A 224 5.05 13.57 7.76
CA ARG A 224 4.67 14.32 6.54
C ARG A 224 5.07 13.55 5.27
N SER A 225 4.15 13.53 4.31
CA SER A 225 4.48 13.03 2.97
C SER A 225 4.10 14.03 1.91
N PHE A 226 4.95 14.15 0.91
CA PHE A 226 4.59 15.04 -0.20
C PHE A 226 3.74 14.25 -1.22
N ILE A 227 2.68 14.90 -1.69
CA ILE A 227 1.68 14.21 -2.49
C ILE A 227 1.78 14.60 -3.96
N PRO A 228 1.75 13.68 -4.91
CA PRO A 228 1.90 14.06 -6.33
C PRO A 228 0.76 14.96 -6.82
N LEU A 229 1.03 15.68 -7.90
CA LEU A 229 0.04 16.55 -8.53
C LEU A 229 -0.11 16.16 -10.00
N LYS A 230 -1.32 16.14 -10.52
CA LYS A 230 -1.59 15.94 -11.96
C LYS A 230 -1.14 17.12 -12.75
N GLY A 231 -1.20 18.34 -12.21
CA GLY A 231 -0.77 19.54 -12.97
C GLY A 231 -0.73 20.70 -12.00
N GLY A 232 -0.26 21.84 -12.49
CA GLY A 232 -0.23 23.09 -11.73
C GLY A 232 1.02 23.22 -10.87
N TYR A 233 1.15 24.34 -10.17
CA TYR A 233 2.24 24.63 -9.32
C TYR A 233 1.91 24.18 -7.91
N GLY A 234 2.91 23.78 -7.16
CA GLY A 234 2.66 23.42 -5.77
C GLY A 234 3.60 22.36 -5.31
N ASN A 235 3.77 22.29 -3.99
CA ASN A 235 4.45 21.20 -3.33
C ASN A 235 3.59 20.71 -2.16
N PRO A 236 2.39 20.22 -2.46
CA PRO A 236 1.49 19.84 -1.38
C PRO A 236 1.96 18.63 -0.59
N ALA A 237 1.52 18.65 0.66
CA ALA A 237 1.85 17.58 1.64
C ALA A 237 0.62 17.14 2.38
N ILE A 238 0.68 15.93 2.91
CA ILE A 238 -0.33 15.35 3.80
C ILE A 238 0.38 14.92 5.09
N ASP A 239 -0.11 15.39 6.23
CA ASP A 239 0.48 15.13 7.52
C ASP A 239 -0.35 14.15 8.28
N CYS A 240 0.22 13.04 8.77
CA CYS A 240 -0.55 12.11 9.58
C CYS A 240 -0.04 12.11 11.01
N LEU A 241 -0.89 11.64 11.91
CA LEU A 241 -0.57 11.67 13.36
C LEU A 241 0.34 10.50 13.70
N MET A 242 0.14 9.37 13.03
CA MET A 242 1.00 8.19 13.21
C MET A 242 1.01 7.50 11.88
N PRO A 243 2.14 6.86 11.55
CA PRO A 243 2.19 6.11 10.30
C PRO A 243 1.33 4.86 10.31
N GLN A 244 1.06 4.35 9.11
CA GLN A 244 0.17 3.21 8.98
C GLN A 244 0.72 2.01 9.71
N GLU A 245 2.04 1.87 9.73
CA GLU A 245 2.63 0.71 10.43
C GLU A 245 2.39 0.80 11.91
N TRP A 246 2.35 1.99 12.49
CA TRP A 246 2.02 2.10 13.94
C TRP A 246 0.55 1.71 14.20
N VAL A 247 -0.37 2.15 13.32
CA VAL A 247 -1.76 1.71 13.41
C VAL A 247 -1.78 0.17 13.40
N GLN A 248 -1.11 -0.44 12.45
CA GLN A 248 -1.10 -1.90 12.33
C GLN A 248 -0.52 -2.57 13.56
N HIS A 249 0.55 -2.00 14.09
CA HIS A 249 1.23 -2.56 15.30
C HIS A 249 0.35 -2.47 16.55
N LEU A 250 -0.22 -1.27 16.81
CA LEU A 250 -1.06 -1.04 17.99
C LEU A 250 -2.31 -1.91 17.93
N TYR A 251 -2.89 -2.06 16.76
CA TYR A 251 -4.08 -2.89 16.60
C TYR A 251 -3.77 -4.32 17.00
N GLN A 252 -2.62 -4.80 16.59
CA GLN A 252 -2.37 -6.19 16.92
C GLN A 252 -1.92 -6.39 18.33
N GLU A 253 -1.11 -5.47 18.86
CA GLU A 253 -0.67 -5.66 20.24
C GLU A 253 -1.78 -5.47 21.25
N SER A 254 -2.60 -4.45 21.07
CA SER A 254 -3.59 -4.04 22.03
C SER A 254 -3.07 -4.04 23.48
N ALA A 255 -1.92 -3.46 23.69
CA ALA A 255 -1.32 -3.41 25.04
C ALA A 255 -2.05 -2.38 25.89
N PRO A 256 -2.32 -2.71 27.16
CA PRO A 256 -3.03 -1.73 27.98
C PRO A 256 -2.20 -0.44 28.19
N SER A 257 -2.89 0.69 28.10
CA SER A 257 -2.21 1.97 28.35
C SER A 257 -2.14 2.26 29.83
N LEU A 258 -0.93 2.43 30.34
CA LEU A 258 -0.72 2.50 31.81
C LEU A 258 -0.75 3.93 32.31
N SER A 259 -0.78 4.90 31.40
CA SER A 259 -1.07 6.29 31.75
C SER A 259 -1.59 6.98 30.50
N ASP A 260 -1.75 8.29 30.57
CA ASP A 260 -2.27 8.97 29.40
C ASP A 260 -1.17 9.35 28.41
N VAL A 261 0.09 9.18 28.77
CA VAL A 261 1.20 9.64 27.94
C VAL A 261 2.37 8.70 28.00
N ALA A 262 2.82 8.22 26.85
CA ALA A 262 4.02 7.42 26.71
C ALA A 262 5.17 8.32 26.28
N LEU A 263 6.25 8.31 27.04
CA LEU A 263 7.46 9.03 26.68
C LEU A 263 8.24 8.24 25.63
N VAL A 264 8.54 8.85 24.48
CA VAL A 264 9.30 8.17 23.44
C VAL A 264 10.51 9.03 23.13
N ARG A 265 11.59 8.38 22.69
CA ARG A 265 12.84 9.05 22.32
C ARG A 265 13.13 8.71 20.86
N TYR A 266 13.45 9.73 20.07
CA TYR A 266 13.88 9.53 18.69
C TYR A 266 15.38 9.28 18.71
N VAL A 267 15.77 8.07 18.31
CA VAL A 267 17.14 7.63 18.48
C VAL A 267 17.78 7.34 17.14
N ASN A 268 19.05 7.68 16.98
CA ASN A 268 19.80 7.26 15.81
C ASN A 268 20.43 5.90 16.10
N PRO A 269 20.05 4.87 15.33
CA PRO A 269 20.55 3.52 15.59
C PRO A 269 22.08 3.45 15.49
N GLU A 270 22.67 4.20 14.58
CA GLU A 270 24.11 4.13 14.36
C GLU A 270 24.92 4.82 15.45
N THR A 271 24.50 6.02 15.83
CA THR A 271 25.17 6.74 16.90
C THR A 271 24.78 6.20 18.26
N GLY A 272 23.50 5.86 18.42
CA GLY A 272 22.97 5.39 19.69
C GLY A 272 22.36 6.49 20.52
N ARG A 273 22.56 7.73 20.07
CA ARG A 273 22.10 8.91 20.79
C ARG A 273 20.62 9.23 20.58
N THR A 274 20.04 9.86 21.59
CA THR A 274 18.70 10.43 21.52
C THR A 274 18.80 11.79 20.85
N LEU A 275 18.09 11.96 19.74
CA LEU A 275 18.03 13.24 19.03
C LEU A 275 17.03 14.19 19.68
N PHE A 276 15.88 13.66 20.14
CA PHE A 276 14.91 14.47 20.86
C PHE A 276 13.94 13.51 21.52
N GLU A 277 13.12 14.05 22.40
CA GLU A 277 12.04 13.25 22.99
C GLU A 277 10.68 13.87 22.68
N ALA A 278 9.68 13.01 22.79
CA ALA A 278 8.29 13.40 22.48
C ALA A 278 7.31 12.71 23.42
N LYS A 279 6.11 13.29 23.53
CA LYS A 279 5.00 12.62 24.19
C LYS A 279 4.13 11.93 23.18
N LEU A 280 3.88 10.65 23.39
CA LEU A 280 2.93 9.90 22.58
C LEU A 280 1.65 9.73 23.42
N HIS A 281 0.59 10.45 23.04
CA HIS A 281 -0.62 10.50 23.85
C HIS A 281 -1.53 9.32 23.59
N ARG A 282 -2.29 8.96 24.63
CA ARG A 282 -3.19 7.80 24.60
C ARG A 282 -4.08 7.74 23.37
N ASN A 283 -4.58 8.87 22.87
CA ASN A 283 -5.48 8.84 21.76
C ASN A 283 -4.75 8.66 20.41
N GLY A 284 -3.43 8.63 20.40
CA GLY A 284 -2.63 8.23 19.23
C GLY A 284 -2.09 9.44 18.47
N PHE A 285 -1.29 10.25 19.12
CA PHE A 285 -0.65 11.42 18.47
C PHE A 285 0.53 11.86 19.29
N LEU A 286 1.41 12.63 18.68
CA LEU A 286 2.66 13.06 19.32
C LEU A 286 2.68 14.57 19.53
N THR A 287 3.32 14.97 20.63
CA THR A 287 3.69 16.38 20.80
C THR A 287 5.19 16.47 21.15
N VAL A 288 5.77 17.62 20.83
CA VAL A 288 7.17 17.93 21.13
C VAL A 288 7.24 19.35 21.64
N ALA A 289 8.34 19.65 22.33
CA ALA A 289 8.62 21.01 22.77
C ALA A 289 9.44 21.73 21.67
N ARG A 290 8.73 22.45 20.81
CA ARG A 290 9.39 23.11 19.70
C ARG A 290 8.59 24.37 19.42
N ASN A 291 9.28 25.40 18.97
CA ASN A 291 8.70 26.72 18.75
C ASN A 291 8.98 27.19 17.34
N SER A 292 8.91 26.31 16.36
CA SER A 292 9.12 26.66 14.99
C SER A 292 8.30 25.72 14.12
N ALA A 293 8.02 26.15 12.92
CA ALA A 293 7.36 25.32 11.92
C ALA A 293 8.38 24.80 10.92
N GLY A 294 8.12 23.68 10.33
CA GLY A 294 8.96 23.14 9.29
C GLY A 294 9.44 21.74 9.60
N PRO A 295 10.28 21.20 8.70
CA PRO A 295 10.75 19.84 8.89
C PRO A 295 11.65 19.70 10.08
N VAL A 296 11.72 18.50 10.63
CA VAL A 296 12.75 18.11 11.57
C VAL A 296 13.90 17.52 10.80
N VAL A 297 15.04 18.16 10.84
CA VAL A 297 16.17 17.70 10.06
C VAL A 297 17.00 16.72 10.85
N ALA A 298 16.90 15.46 10.43
CA ALA A 298 17.53 14.37 11.13
C ALA A 298 17.55 13.23 10.11
N PRO A 299 18.41 12.26 10.31
CA PRO A 299 18.51 11.09 9.43
C PRO A 299 17.22 10.29 9.37
N THR A 300 16.94 9.72 8.21
CA THR A 300 15.70 8.94 8.08
C THR A 300 15.89 7.50 8.57
N ASN A 301 17.08 7.12 9.05
CA ASN A 301 17.22 5.86 9.76
C ASN A 301 16.82 6.00 11.24
N GLY A 302 16.40 7.20 11.65
CA GLY A 302 16.04 7.42 13.05
C GLY A 302 14.76 6.70 13.38
N TYR A 303 14.55 6.40 14.66
CA TYR A 303 13.28 5.81 15.03
C TYR A 303 12.86 6.14 16.46
N PHE A 304 11.58 6.05 16.72
CA PHE A 304 11.04 6.28 18.07
C PHE A 304 11.13 4.99 18.88
N ARG A 305 11.66 5.12 20.06
CA ARG A 305 11.76 4.04 21.05
C ARG A 305 10.91 4.39 22.25
N PHE A 306 10.06 3.48 22.70
CA PHE A 306 9.30 3.70 23.92
C PHE A 306 10.20 3.61 25.13
N ASP A 307 10.12 4.64 25.97
CA ASP A 307 10.93 4.70 27.17
C ASP A 307 10.16 4.34 28.45
N SER A 308 9.07 5.03 28.71
CA SER A 308 8.29 4.79 29.93
C SER A 308 6.94 5.51 29.84
N TRP A 309 5.99 5.09 30.69
CA TRP A 309 4.76 5.84 30.86
C TRP A 309 5.00 7.00 31.79
N VAL A 310 4.58 8.21 31.38
CA VAL A 310 4.68 9.37 32.25
C VAL A 310 3.31 9.97 32.38
N ASN A 311 3.20 11.23 32.72
CA ASN A 311 1.87 11.81 32.79
C ASN A 311 1.88 13.16 32.12
N GLN A 312 0.73 13.82 32.14
CA GLN A 312 0.64 15.07 31.37
C GLN A 312 1.45 16.20 31.98
N PHE A 313 1.91 16.03 33.21
CA PHE A 313 2.73 17.05 33.86
C PHE A 313 4.18 17.02 33.39
N TYR A 314 4.58 15.95 32.71
CA TYR A 314 5.98 15.77 32.31
C TYR A 314 6.43 16.90 31.39
N THR A 315 7.61 17.45 31.66
CA THR A 315 8.18 18.49 30.82
C THR A 315 9.22 17.94 29.85
N LEU A 316 8.93 18.07 28.55
CA LEU A 316 9.85 17.59 27.52
C LEU A 316 11.09 18.47 27.42
N ALA A 317 12.24 17.83 27.22
CA ALA A 317 13.42 18.59 26.82
C ALA A 317 13.13 19.29 25.46
N PRO A 318 13.43 20.58 25.33
CA PRO A 318 13.23 21.27 24.05
C PRO A 318 13.96 20.59 22.90
N MET A 319 13.36 20.56 21.72
CA MET A 319 14.08 19.98 20.56
C MET A 319 15.28 20.85 20.15
N SER B 5 15.64 -17.76 23.57
CA SER B 5 15.28 -17.92 22.16
C SER B 5 13.91 -17.32 21.84
N LYS B 6 13.91 -16.16 21.19
CA LYS B 6 12.70 -15.42 20.92
C LYS B 6 11.74 -16.30 20.14
N PRO B 7 10.54 -16.51 20.66
CA PRO B 7 9.59 -17.43 20.02
C PRO B 7 9.13 -16.86 18.67
N PHE B 8 8.94 -17.78 17.72
CA PHE B 8 8.47 -17.41 16.41
C PHE B 8 6.98 -17.10 16.44
N THR B 9 6.57 -16.10 15.66
CA THR B 9 5.16 -15.73 15.57
C THR B 9 4.83 -15.14 14.20
N LEU B 10 3.54 -15.26 13.87
CA LEU B 10 2.94 -14.59 12.72
C LEU B 10 2.02 -13.46 13.23
N PRO B 11 1.82 -12.39 12.44
CA PRO B 11 0.77 -11.41 12.78
C PRO B 11 -0.55 -12.10 12.89
N ILE B 12 -1.47 -11.47 13.63
CA ILE B 12 -2.81 -11.96 13.74
C ILE B 12 -3.73 -11.23 12.84
N LEU B 13 -3.19 -10.43 11.92
CA LEU B 13 -4.03 -9.84 10.90
C LEU B 13 -4.77 -10.95 10.14
N THR B 14 -6.06 -10.80 9.89
CA THR B 14 -6.81 -11.69 9.01
C THR B 14 -6.65 -11.65 7.42
N LEU B 15 -7.26 -12.51 6.63
CA LEU B 15 -7.10 -12.46 5.19
C LEU B 15 -7.54 -11.11 4.49
N GLY B 16 -8.63 -10.56 5.00
CA GLY B 16 -9.14 -9.27 4.61
C GLY B 16 -8.40 -8.07 5.25
N GLU B 17 -7.33 -8.40 5.97
CA GLU B 17 -6.44 -7.41 6.60
C GLU B 17 -5.02 -7.53 6.07
N LEU B 18 -4.83 -8.24 4.95
CA LEU B 18 -3.48 -8.45 4.36
C LEU B 18 -3.37 -7.87 3.00
N THR B 19 -2.14 -7.55 2.60
CA THR B 19 -1.88 -7.03 1.26
C THR B 19 -0.78 -7.85 0.54
N ASN B 20 -0.82 -7.80 -0.76
CA ASN B 20 0.11 -8.53 -1.58
C ASN B 20 1.50 -7.93 -1.50
N SER B 21 2.55 -8.77 -1.48
CA SER B 21 3.93 -8.31 -1.43
C SER B 21 4.54 -8.13 -2.81
N ARG B 22 3.82 -8.47 -3.88
CA ARG B 22 4.35 -8.38 -5.23
C ARG B 22 3.64 -7.29 -6.08
N PHE B 23 2.52 -6.75 -5.61
CA PHE B 23 1.86 -5.63 -6.28
C PHE B 23 1.00 -5.00 -5.21
N PRO B 24 0.72 -3.69 -5.30
CA PRO B 24 -0.07 -3.03 -4.21
C PRO B 24 -1.58 -3.32 -4.35
N LEU B 25 -1.96 -4.45 -3.83
CA LEU B 25 -3.30 -4.98 -3.93
C LEU B 25 -3.66 -5.63 -2.62
N PRO B 26 -4.93 -5.66 -2.23
CA PRO B 26 -5.34 -6.47 -1.07
C PRO B 26 -5.24 -7.96 -1.41
N ILE B 27 -5.02 -8.83 -0.41
CA ILE B 27 -5.20 -10.27 -0.67
C ILE B 27 -6.67 -10.56 -0.83
N ASP B 28 -7.01 -11.25 -1.90
CA ASP B 28 -8.37 -11.70 -2.17
C ASP B 28 -8.67 -13.12 -1.72
N VAL B 29 -7.80 -14.07 -2.03
CA VAL B 29 -8.07 -15.46 -1.69
C VAL B 29 -6.78 -16.18 -1.50
N LEU B 30 -6.80 -17.30 -0.78
CA LEU B 30 -5.72 -18.27 -0.82
C LEU B 30 -5.89 -19.16 -2.05
N TYR B 31 -4.81 -19.63 -2.64
CA TYR B 31 -4.89 -20.29 -3.94
C TYR B 31 -3.85 -21.34 -4.12
N THR B 32 -4.19 -22.44 -4.79
CA THR B 32 -3.22 -23.47 -5.17
C THR B 32 -3.30 -23.75 -6.68
N ASN B 33 -2.20 -24.26 -7.22
CA ASN B 33 -2.12 -24.69 -8.62
C ASN B 33 -1.06 -25.78 -8.78
N PRO B 34 -1.40 -27.02 -8.37
CA PRO B 34 -0.40 -28.06 -8.24
C PRO B 34 0.28 -28.45 -9.54
N ASN B 35 -0.38 -28.22 -10.66
CA ASN B 35 0.19 -28.67 -11.93
C ASN B 35 1.04 -27.63 -12.61
N GLU B 36 1.24 -26.49 -11.94
CA GLU B 36 2.16 -25.47 -12.40
C GLU B 36 3.45 -26.02 -12.95
N SER B 37 3.78 -25.67 -14.18
CA SER B 37 5.05 -26.15 -14.76
C SER B 37 6.22 -25.18 -14.64
N ALA B 38 5.91 -23.94 -14.22
CA ALA B 38 6.94 -22.91 -14.11
C ALA B 38 7.70 -23.06 -12.82
N ILE B 39 8.95 -22.69 -12.88
CA ILE B 39 9.75 -22.51 -11.67
C ILE B 39 9.29 -21.21 -10.96
N VAL B 40 8.97 -21.32 -9.68
CA VAL B 40 8.49 -20.19 -8.90
C VAL B 40 9.64 -19.59 -8.20
N GLN B 41 9.98 -18.37 -8.63
CA GLN B 41 11.21 -17.72 -8.16
C GLN B 41 10.99 -16.20 -8.15
N CYS B 42 9.86 -15.79 -7.58
CA CYS B 42 9.60 -14.34 -7.47
C CYS B 42 10.59 -13.68 -6.52
N GLN B 43 10.76 -12.36 -6.70
CA GLN B 43 11.83 -11.61 -6.05
C GLN B 43 11.30 -10.59 -5.04
N ASN B 44 10.03 -10.18 -5.17
CA ASN B 44 9.37 -9.37 -4.12
C ASN B 44 8.61 -10.30 -3.21
N GLY B 45 8.38 -9.86 -1.98
CA GLY B 45 7.77 -10.70 -1.00
C GLY B 45 8.61 -11.89 -0.58
N ARG B 46 9.93 -11.70 -0.49
CA ARG B 46 10.86 -12.77 -0.12
C ARG B 46 11.55 -12.37 1.17
N CYS B 47 11.36 -13.22 2.20
CA CYS B 47 11.96 -12.98 3.52
C CYS B 47 12.06 -14.32 4.16
N THR B 48 13.19 -14.60 4.80
CA THR B 48 13.28 -15.86 5.55
C THR B 48 12.49 -15.72 6.87
N LEU B 49 12.19 -16.86 7.50
CA LEU B 49 11.47 -16.82 8.76
C LEU B 49 12.17 -16.10 9.88
N ASP B 50 13.50 -16.05 9.79
CA ASP B 50 14.28 -15.29 10.76
C ASP B 50 14.57 -13.84 10.38
N GLY B 51 13.88 -13.34 9.36
CA GLY B 51 13.84 -11.89 9.08
C GLY B 51 14.85 -11.37 8.08
N GLU B 52 15.46 -12.21 7.27
CA GLU B 52 16.37 -11.76 6.22
C GLU B 52 15.59 -11.47 4.94
N LEU B 53 15.53 -10.22 4.51
CA LEU B 53 14.92 -9.85 3.24
C LEU B 53 15.77 -10.37 2.10
N GLN B 54 15.13 -10.87 1.05
CA GLN B 54 15.86 -11.38 -0.12
C GLN B 54 15.35 -10.82 -1.42
N GLY B 55 16.05 -11.12 -2.52
CA GLY B 55 15.63 -10.63 -3.81
C GLY B 55 15.62 -9.12 -3.85
N THR B 56 14.54 -8.56 -4.41
CA THR B 56 14.35 -7.10 -4.47
C THR B 56 13.39 -6.62 -3.37
N THR B 57 13.21 -7.40 -2.31
CA THR B 57 12.17 -7.08 -1.32
C THR B 57 12.60 -5.92 -0.46
N GLN B 58 11.67 -5.00 -0.30
CA GLN B 58 11.77 -3.90 0.67
C GLN B 58 10.49 -3.81 1.48
N LEU B 59 10.44 -2.95 2.49
CA LEU B 59 9.39 -2.99 3.48
C LEU B 59 8.19 -2.14 3.12
N LEU B 60 8.32 -1.11 2.30
CA LEU B 60 7.19 -0.20 2.12
C LEU B 60 6.14 -0.75 1.16
N PRO B 61 4.87 -0.76 1.56
CA PRO B 61 3.83 -1.15 0.59
C PRO B 61 3.83 -0.21 -0.63
N THR B 62 4.24 1.03 -0.46
CA THR B 62 4.29 2.01 -1.53
C THR B 62 5.47 1.77 -2.46
N GLY B 63 6.44 0.93 -2.06
CA GLY B 63 7.63 0.72 -2.87
C GLY B 63 7.53 -0.46 -3.83
N ILE B 64 6.48 -1.27 -3.67
CA ILE B 64 6.35 -2.48 -4.49
C ILE B 64 5.96 -2.11 -5.93
N CYS B 65 6.80 -2.46 -6.87
CA CYS B 65 6.65 -2.10 -8.28
C CYS B 65 6.73 -0.60 -8.55
N ALA B 66 7.38 0.13 -7.62
CA ALA B 66 7.60 1.57 -7.81
C ALA B 66 8.95 1.83 -8.40
N PHE B 67 9.10 2.99 -9.04
CA PHE B 67 10.40 3.52 -9.47
C PHE B 67 10.46 4.98 -9.14
N ARG B 68 11.69 5.46 -8.94
CA ARG B 68 12.03 6.88 -8.82
CA ARG B 68 12.06 6.86 -8.78
C ARG B 68 13.22 7.14 -9.70
N GLY B 69 13.24 8.30 -10.33
CA GLY B 69 14.41 8.65 -11.13
C GLY B 69 14.15 9.92 -11.88
N LYS B 70 14.74 10.02 -13.08
CA LYS B 70 14.61 11.25 -13.90
C LYS B 70 14.53 10.79 -15.35
N VAL B 71 13.75 11.48 -16.17
CA VAL B 71 13.68 11.21 -17.60
C VAL B 71 14.84 11.85 -18.33
N THR B 72 15.35 11.16 -19.36
CA THR B 72 16.46 11.71 -20.14
C THR B 72 16.21 11.93 -21.61
N GLN B 73 15.29 11.20 -22.22
CA GLN B 73 15.07 11.33 -23.67
C GLN B 73 13.70 10.83 -24.04
N GLN B 74 13.10 11.43 -25.02
CA GLN B 74 11.84 11.07 -25.65
C GLN B 74 12.16 10.30 -26.94
N VAL B 75 11.48 9.20 -27.15
CA VAL B 75 11.67 8.47 -28.41
C VAL B 75 10.33 7.93 -28.84
N GLN B 76 9.90 8.23 -30.04
CA GLN B 76 8.61 7.70 -30.55
C GLN B 76 8.84 6.24 -30.97
N ASP B 77 8.05 5.30 -30.42
CA ASP B 77 8.22 3.91 -30.81
C ASP B 77 7.43 3.69 -32.11
N GLU B 78 7.93 2.83 -32.98
CA GLU B 78 7.25 2.60 -34.26
C GLU B 78 5.84 2.04 -34.05
N HIS B 79 5.66 1.21 -33.01
CA HIS B 79 4.40 0.49 -32.83
C HIS B 79 3.63 0.82 -31.54
N ARG B 80 4.33 1.26 -30.50
CA ARG B 80 3.69 1.37 -29.18
C ARG B 80 3.65 2.79 -28.61
N GLY B 81 3.59 3.79 -29.49
CA GLY B 81 3.49 5.19 -29.05
C GLY B 81 4.74 5.84 -28.46
N THR B 82 4.53 6.87 -27.63
CA THR B 82 5.65 7.67 -27.13
C THR B 82 6.37 7.01 -25.99
N HIS B 83 7.66 6.85 -26.08
CA HIS B 83 8.51 6.26 -25.07
C HIS B 83 9.42 7.31 -24.46
N TRP B 84 9.92 7.02 -23.23
CA TRP B 84 10.70 7.97 -22.44
C TRP B 84 11.72 7.12 -21.74
N ASN B 85 12.98 7.46 -21.89
CA ASN B 85 14.06 6.83 -21.15
C ASN B 85 14.16 7.45 -19.75
N MET B 86 14.34 6.64 -18.74
CA MET B 86 14.38 7.08 -17.37
C MET B 86 15.57 6.48 -16.64
N THR B 87 16.40 7.30 -16.01
CA THR B 87 17.43 6.78 -15.12
C THR B 87 16.74 6.53 -13.81
N VAL B 88 17.01 5.45 -13.12
CA VAL B 88 16.41 5.13 -11.84
C VAL B 88 17.39 5.16 -10.73
N THR B 89 16.95 5.61 -9.56
CA THR B 89 17.73 5.64 -8.34
C THR B 89 17.17 4.55 -7.41
N ASN B 90 17.76 4.38 -6.24
CA ASN B 90 17.02 3.70 -5.19
C ASN B 90 15.74 4.45 -4.86
N LEU B 91 14.77 3.79 -4.23
CA LEU B 91 13.51 4.46 -3.92
C LEU B 91 13.75 5.55 -2.88
N ASN B 92 14.79 5.47 -2.05
CA ASN B 92 15.08 6.55 -1.10
C ASN B 92 15.82 7.73 -1.75
N GLY B 93 16.00 7.72 -3.06
CA GLY B 93 16.63 8.85 -3.74
C GLY B 93 18.11 8.73 -3.92
N THR B 94 18.77 7.88 -3.17
CA THR B 94 20.22 7.72 -3.29
C THR B 94 20.54 7.01 -4.60
N PRO B 95 21.74 7.22 -5.13
CA PRO B 95 22.09 6.57 -6.40
C PRO B 95 22.11 5.08 -6.23
N PHE B 96 21.60 4.35 -7.24
CA PHE B 96 21.66 2.89 -7.19
C PHE B 96 23.08 2.43 -7.55
N ASP B 97 23.66 1.63 -6.69
CA ASP B 97 25.01 1.11 -6.89
C ASP B 97 24.85 -0.32 -7.44
N PRO B 98 25.15 -0.51 -8.74
CA PRO B 98 25.06 -1.87 -9.28
C PRO B 98 26.00 -2.89 -8.67
N THR B 99 26.97 -2.50 -7.84
CA THR B 99 27.83 -3.50 -7.20
C THR B 99 27.28 -4.11 -5.91
N GLU B 100 26.17 -3.55 -5.43
CA GLU B 100 25.53 -4.13 -4.27
C GLU B 100 24.92 -5.50 -4.65
N ASP B 101 24.83 -6.37 -3.67
CA ASP B 101 24.41 -7.74 -3.92
C ASP B 101 22.88 -7.89 -3.95
N VAL B 102 22.26 -7.20 -4.89
CA VAL B 102 20.81 -7.32 -5.12
C VAL B 102 20.56 -7.45 -6.62
N PRO B 103 19.42 -8.02 -7.01
CA PRO B 103 19.19 -8.23 -8.45
C PRO B 103 18.97 -6.94 -9.24
N ALA B 104 18.49 -5.90 -8.54
CA ALA B 104 17.96 -4.67 -9.16
C ALA B 104 17.60 -3.76 -7.97
N PRO B 105 17.26 -2.51 -8.23
CA PRO B 105 16.82 -1.66 -7.10
C PRO B 105 15.67 -2.33 -6.35
N LEU B 106 15.66 -2.19 -5.03
CA LEU B 106 14.57 -2.83 -4.27
C LEU B 106 13.24 -2.21 -4.74
N GLY B 107 12.23 -3.08 -4.81
CA GLY B 107 10.90 -2.74 -5.30
C GLY B 107 10.69 -2.92 -6.79
N THR B 108 11.75 -3.11 -7.56
CA THR B 108 11.62 -3.36 -8.99
C THR B 108 10.61 -4.48 -9.23
N PRO B 109 9.74 -4.39 -10.22
CA PRO B 109 8.82 -5.49 -10.56
C PRO B 109 9.59 -6.81 -10.80
N ASP B 110 8.94 -7.91 -10.42
CA ASP B 110 9.56 -9.24 -10.53
C ASP B 110 8.90 -10.14 -11.53
N PHE B 111 8.20 -9.61 -12.53
CA PHE B 111 7.53 -10.46 -13.51
C PHE B 111 7.48 -9.77 -14.84
N SER B 112 7.31 -10.57 -15.89
CA SER B 112 7.16 -10.13 -17.26
C SER B 112 5.73 -9.66 -17.48
N GLY B 113 5.62 -8.46 -18.07
CA GLY B 113 4.31 -7.93 -18.38
C GLY B 113 4.38 -6.45 -18.72
N GLN B 114 3.24 -5.91 -19.08
CA GLN B 114 3.08 -4.45 -19.34
C GLN B 114 2.47 -3.87 -18.08
N ILE B 115 3.27 -3.24 -17.21
CA ILE B 115 2.76 -2.71 -15.94
C ILE B 115 2.24 -1.32 -16.18
N TYR B 116 0.99 -1.09 -15.84
CA TYR B 116 0.27 0.15 -16.04
C TYR B 116 0.28 0.94 -14.76
N GLY B 117 0.48 2.25 -14.85
CA GLY B 117 0.42 3.10 -13.69
C GLY B 117 0.48 4.57 -14.09
N VAL B 118 0.96 5.40 -13.18
CA VAL B 118 1.02 6.83 -13.45
C VAL B 118 2.42 7.31 -13.19
N ILE B 119 2.98 8.03 -14.12
CA ILE B 119 4.23 8.75 -13.92
C ILE B 119 3.87 10.19 -13.48
N SER B 120 4.47 10.66 -12.39
CA SER B 120 4.29 12.02 -11.95
C SER B 120 5.64 12.67 -11.78
N GLN B 121 5.65 14.00 -11.85
CA GLN B 121 6.87 14.78 -11.72
C GLN B 121 6.63 16.02 -10.93
N ARG B 122 7.58 16.41 -10.10
CA ARG B 122 7.56 17.71 -9.44
C ARG B 122 8.92 18.32 -9.72
N ASN B 123 8.96 19.45 -10.37
CA ASN B 123 10.21 20.04 -10.79
C ASN B 123 11.05 20.48 -9.61
N THR B 124 12.36 20.47 -9.86
CA THR B 124 13.37 21.01 -8.95
C THR B 124 13.34 22.55 -8.87
N LEU B 133 6.72 28.14 -6.27
CA LEU B 133 6.26 26.75 -6.18
C LEU B 133 6.62 26.03 -7.48
N PRO B 134 7.03 24.78 -7.38
CA PRO B 134 7.43 24.03 -8.58
C PRO B 134 6.25 23.63 -9.45
N ALA B 135 6.53 23.49 -10.74
CA ALA B 135 5.58 22.91 -11.70
C ALA B 135 5.49 21.40 -11.59
N ASN B 136 4.34 20.86 -11.97
CA ASN B 136 4.04 19.43 -11.82
C ASN B 136 3.34 18.88 -13.05
N ARG B 137 3.45 17.60 -13.29
CA ARG B 137 2.59 16.93 -14.28
C ARG B 137 2.51 15.47 -13.95
N ALA B 138 1.43 14.83 -14.40
CA ALA B 138 1.34 13.36 -14.30
C ALA B 138 0.60 12.83 -15.51
N HIS B 139 0.93 11.61 -15.91
CA HIS B 139 0.26 10.95 -17.06
C HIS B 139 0.25 9.48 -16.81
N GLU B 140 -0.74 8.80 -17.40
CA GLU B 140 -0.75 7.34 -17.44
C GLU B 140 0.48 6.85 -18.17
N ALA B 141 1.01 5.71 -17.76
CA ALA B 141 2.24 5.17 -18.34
C ALA B 141 2.24 3.66 -18.28
N VAL B 142 3.03 3.06 -19.14
CA VAL B 142 3.21 1.60 -19.11
C VAL B 142 4.68 1.28 -19.12
N ILE B 143 5.11 0.28 -18.36
CA ILE B 143 6.50 -0.21 -18.37
C ILE B 143 6.46 -1.66 -18.81
N ALA B 144 7.06 -1.93 -19.95
CA ALA B 144 7.14 -3.32 -20.47
C ALA B 144 8.38 -3.99 -19.88
N THR B 145 8.18 -4.85 -18.90
CA THR B 145 9.35 -5.35 -18.16
C THR B 145 10.10 -6.42 -18.93
N TYR B 146 9.56 -6.89 -20.05
CA TYR B 146 10.22 -7.85 -20.93
C TYR B 146 11.00 -7.15 -22.04
N SER B 147 10.94 -5.84 -22.16
CA SER B 147 11.61 -5.09 -23.21
C SER B 147 13.11 -5.12 -23.02
N PRO B 148 13.87 -5.11 -24.11
CA PRO B 148 15.32 -4.99 -23.96
C PRO B 148 15.75 -3.66 -23.33
N LYS B 149 14.84 -2.70 -23.29
CA LYS B 149 15.15 -1.41 -22.67
C LYS B 149 14.87 -1.41 -21.16
N PHE B 150 14.36 -2.52 -20.62
CA PHE B 150 14.08 -2.61 -19.19
C PHE B 150 15.37 -3.13 -18.57
N THR B 151 16.20 -2.22 -18.04
CA THR B 151 17.50 -2.64 -17.50
C THR B 151 17.76 -1.95 -16.16
N PRO B 152 16.86 -2.16 -15.21
CA PRO B 152 16.98 -1.46 -13.91
C PRO B 152 18.28 -1.74 -13.18
N LYS B 153 18.84 -2.96 -13.32
CA LYS B 153 20.13 -3.23 -12.68
C LYS B 153 21.23 -2.35 -13.26
N LEU B 154 21.07 -1.90 -14.49
CA LEU B 154 22.02 -0.96 -15.09
C LEU B 154 21.62 0.48 -14.84
N GLY B 155 20.59 0.72 -14.08
CA GLY B 155 20.21 2.09 -13.71
C GLY B 155 19.24 2.75 -14.68
N ASN B 156 18.67 2.05 -15.66
CA ASN B 156 17.80 2.73 -16.65
C ASN B 156 16.69 1.84 -17.14
N ILE B 157 15.53 2.44 -17.34
CA ILE B 157 14.35 1.73 -17.88
C ILE B 157 13.69 2.65 -18.92
N GLN B 158 12.64 2.18 -19.58
CA GLN B 158 11.82 3.01 -20.44
C GLN B 158 10.38 2.85 -20.02
N PHE B 159 9.61 3.91 -20.14
CA PHE B 159 8.14 3.82 -20.03
C PHE B 159 7.50 4.44 -21.22
N SER B 160 6.27 4.07 -21.53
CA SER B 160 5.52 4.64 -22.60
C SER B 160 4.29 5.34 -22.12
N THR B 161 3.87 6.34 -22.86
CA THR B 161 2.71 7.11 -22.50
C THR B 161 1.79 7.29 -23.73
N TRP B 162 0.51 7.43 -23.46
CA TRP B 162 -0.46 7.95 -24.46
C TRP B 162 -0.19 9.44 -24.72
N GLU B 163 0.15 10.19 -23.68
CA GLU B 163 0.56 11.58 -23.80
C GLU B 163 1.76 11.66 -24.74
N THR B 164 1.73 12.61 -25.70
CA THR B 164 2.78 12.66 -26.71
C THR B 164 3.93 13.60 -26.38
N GLN B 165 3.74 14.57 -25.44
CA GLN B 165 4.76 15.62 -25.26
C GLN B 165 5.06 16.06 -23.83
N ASP B 166 4.08 16.01 -22.92
CA ASP B 166 4.18 16.73 -21.66
C ASP B 166 4.82 15.85 -20.57
N VAL B 167 6.05 15.43 -20.84
CA VAL B 167 6.86 14.73 -19.84
C VAL B 167 8.20 15.45 -19.86
N SER B 168 8.69 15.94 -18.72
CA SER B 168 9.88 16.76 -18.71
C SER B 168 11.15 15.96 -18.42
N SER B 169 12.26 16.37 -19.04
CA SER B 169 13.55 15.73 -18.79
C SER B 169 14.27 16.41 -17.65
N GLY B 170 15.09 15.65 -16.92
CA GLY B 170 15.91 16.19 -15.86
C GLY B 170 15.17 16.58 -14.58
N GLN B 171 13.96 16.05 -14.39
CA GLN B 171 13.10 16.43 -13.26
C GLN B 171 12.71 15.19 -12.48
N PRO B 172 12.62 15.28 -11.15
CA PRO B 172 12.25 14.11 -10.33
C PRO B 172 10.96 13.49 -10.78
N THR B 173 10.96 12.17 -10.95
CA THR B 173 9.90 11.39 -11.54
C THR B 173 9.58 10.18 -10.67
N LYS B 174 8.31 9.92 -10.45
CA LYS B 174 7.81 8.79 -9.67
C LYS B 174 6.91 7.96 -10.54
N PHE B 175 7.02 6.65 -10.46
CA PHE B 175 6.02 5.72 -11.07
C PHE B 175 5.19 5.11 -9.96
N THR B 176 3.89 5.33 -10.02
CA THR B 176 2.97 4.72 -9.06
C THR B 176 2.28 3.61 -9.88
N PRO B 177 2.46 2.34 -9.45
CA PRO B 177 1.82 1.23 -10.19
C PRO B 177 0.34 1.18 -9.90
N VAL B 178 -0.45 0.74 -10.88
CA VAL B 178 -1.91 0.59 -10.73
C VAL B 178 -2.40 -0.78 -11.18
N GLY B 179 -1.89 -1.33 -12.28
CA GLY B 179 -2.33 -2.65 -12.73
C GLY B 179 -1.53 -3.08 -13.92
N LEU B 180 -2.16 -3.78 -14.84
CA LEU B 180 -1.52 -4.19 -16.11
C LEU B 180 -2.17 -3.49 -17.27
N ALA B 181 -1.45 -3.26 -18.37
CA ALA B 181 -2.05 -2.62 -19.53
C ALA B 181 -2.90 -3.57 -20.33
N SER B 182 -2.51 -4.86 -20.35
CA SER B 182 -3.14 -5.90 -21.16
C SER B 182 -2.65 -7.22 -20.67
N VAL B 183 -3.42 -8.29 -20.94
CA VAL B 183 -2.89 -9.64 -20.88
C VAL B 183 -3.09 -10.37 -22.19
N ASP B 184 -3.16 -9.62 -23.29
CA ASP B 184 -3.23 -10.26 -24.64
C ASP B 184 -1.96 -10.99 -24.91
N ALA B 185 -1.99 -11.80 -25.98
CA ALA B 185 -0.75 -12.53 -26.33
C ALA B 185 0.48 -11.64 -26.50
N ASN B 186 0.29 -10.53 -27.21
CA ASN B 186 1.38 -9.65 -27.50
C ASN B 186 1.89 -8.87 -26.31
N SER B 187 1.29 -9.07 -25.13
CA SER B 187 1.69 -8.29 -23.97
C SER B 187 2.56 -9.07 -22.96
N HIS B 188 2.84 -10.33 -23.25
CA HIS B 188 3.83 -11.13 -22.54
C HIS B 188 3.68 -11.08 -21.03
N PHE B 189 2.45 -11.23 -20.55
CA PHE B 189 2.26 -11.35 -19.11
C PHE B 189 2.51 -12.77 -18.64
N ASP B 190 3.49 -12.95 -17.75
CA ASP B 190 3.73 -14.26 -17.14
C ASP B 190 4.29 -13.97 -15.76
N GLN B 191 3.50 -14.21 -14.74
CA GLN B 191 3.90 -13.79 -13.40
C GLN B 191 5.09 -14.53 -12.86
N TRP B 192 5.45 -15.67 -13.49
CA TRP B 192 6.60 -16.45 -13.02
C TRP B 192 7.84 -16.26 -13.88
N THR B 193 7.76 -15.49 -14.95
CA THR B 193 8.93 -15.20 -15.76
C THR B 193 9.61 -13.93 -15.21
N LEU B 194 10.84 -14.02 -14.71
CA LEU B 194 11.54 -12.84 -14.23
C LEU B 194 11.93 -11.93 -15.39
N PRO B 195 11.93 -10.63 -15.14
CA PRO B 195 12.58 -9.73 -16.13
C PRO B 195 14.06 -10.08 -16.21
N SER B 196 14.71 -9.69 -17.30
CA SER B 196 16.18 -9.74 -17.36
C SER B 196 16.63 -8.39 -16.83
N TYR B 197 17.05 -8.30 -15.56
CA TYR B 197 17.27 -6.97 -14.95
C TYR B 197 18.38 -6.16 -15.60
N SER B 198 19.34 -6.83 -16.27
CA SER B 198 20.41 -6.15 -17.02
C SER B 198 20.26 -6.28 -18.53
N GLY B 199 19.12 -6.72 -19.03
CA GLY B 199 18.96 -6.97 -20.46
C GLY B 199 19.12 -8.43 -20.89
N ALA B 200 18.66 -8.80 -22.08
CA ALA B 200 18.37 -10.21 -22.39
C ALA B 200 19.59 -11.15 -22.42
N LEU B 201 20.75 -10.63 -22.77
CA LEU B 201 21.92 -11.50 -22.92
C LEU B 201 22.68 -11.65 -21.59
N THR B 202 22.17 -11.07 -20.51
CA THR B 202 22.90 -11.05 -19.25
C THR B 202 22.16 -11.87 -18.21
N LEU B 203 22.84 -12.63 -17.37
CA LEU B 203 22.18 -13.41 -16.32
C LEU B 203 21.76 -12.54 -15.16
N ASN B 204 20.59 -12.78 -14.62
CA ASN B 204 20.21 -12.18 -13.33
C ASN B 204 21.07 -12.68 -12.22
N MET B 205 21.31 -11.85 -11.20
CA MET B 205 22.18 -12.19 -10.09
C MET B 205 21.56 -11.86 -8.75
N ASN B 206 22.12 -12.48 -7.71
CA ASN B 206 21.71 -12.24 -6.34
C ASN B 206 20.24 -12.57 -6.09
N LEU B 207 19.71 -13.54 -6.82
CA LEU B 207 18.29 -13.89 -6.70
C LEU B 207 17.95 -14.58 -5.41
N ALA B 208 16.76 -14.28 -4.90
CA ALA B 208 16.12 -15.18 -3.94
C ALA B 208 15.90 -16.54 -4.62
N PRO B 209 16.05 -17.65 -3.86
CA PRO B 209 16.00 -18.99 -4.49
C PRO B 209 14.61 -19.35 -4.96
N SER B 210 14.55 -20.29 -5.89
CA SER B 210 13.24 -20.86 -6.25
C SER B 210 12.63 -21.62 -5.07
N VAL B 211 11.32 -21.81 -5.11
CA VAL B 211 10.63 -22.51 -4.03
C VAL B 211 9.74 -23.58 -4.65
N ALA B 212 9.58 -24.70 -3.92
CA ALA B 212 8.82 -25.85 -4.43
C ALA B 212 8.52 -26.77 -3.27
N PRO B 213 7.45 -27.57 -3.39
CA PRO B 213 7.26 -28.64 -2.40
C PRO B 213 8.33 -29.70 -2.57
N VAL B 214 8.66 -30.37 -1.47
CA VAL B 214 9.66 -31.47 -1.56
C VAL B 214 9.11 -32.82 -1.13
N PHE B 215 7.80 -32.90 -0.93
CA PHE B 215 7.14 -34.06 -0.36
C PHE B 215 5.94 -34.35 -1.27
N PRO B 216 5.74 -35.63 -1.58
CA PRO B 216 4.65 -35.95 -2.53
C PRO B 216 3.26 -35.57 -2.03
N GLY B 217 2.42 -35.11 -2.95
CA GLY B 217 1.09 -34.68 -2.59
C GLY B 217 1.05 -33.28 -1.98
N GLU B 218 2.20 -32.60 -1.81
CA GLU B 218 2.16 -31.18 -1.40
C GLU B 218 2.24 -30.30 -2.62
N CYS B 219 1.69 -29.10 -2.44
CA CYS B 219 1.79 -28.03 -3.45
C CYS B 219 2.02 -26.72 -2.73
N LEU B 220 2.51 -25.72 -3.46
CA LEU B 220 2.62 -24.38 -2.90
C LEU B 220 1.24 -23.80 -2.58
N LEU B 221 1.15 -22.99 -1.54
CA LEU B 221 -0.10 -22.25 -1.21
C LEU B 221 0.24 -20.75 -1.37
N PHE B 222 -0.55 -20.02 -2.15
CA PHE B 222 -0.28 -18.59 -2.47
C PHE B 222 -1.34 -17.73 -1.87
N PHE B 223 -0.95 -16.46 -1.63
CA PHE B 223 -1.90 -15.37 -1.35
C PHE B 223 -2.14 -14.62 -2.62
N ARG B 224 -3.34 -14.73 -3.15
CA ARG B 224 -3.69 -14.28 -4.50
C ARG B 224 -4.43 -12.94 -4.44
N SER B 225 -4.06 -12.06 -5.38
CA SER B 225 -4.79 -10.81 -5.57
C SER B 225 -5.09 -10.67 -7.03
N PHE B 226 -6.28 -10.16 -7.35
CA PHE B 226 -6.64 -9.85 -8.73
C PHE B 226 -6.16 -8.43 -9.09
N ILE B 227 -5.54 -8.31 -10.25
CA ILE B 227 -4.84 -7.04 -10.64
C ILE B 227 -5.67 -6.31 -11.68
N PRO B 228 -5.84 -4.98 -11.60
CA PRO B 228 -6.66 -4.27 -12.58
C PRO B 228 -6.04 -4.28 -13.99
N LEU B 229 -6.87 -4.09 -14.97
CA LEU B 229 -6.46 -3.98 -16.36
C LEU B 229 -6.89 -2.64 -16.94
N LYS B 230 -6.00 -2.03 -17.73
CA LYS B 230 -6.32 -0.81 -18.47
C LYS B 230 -7.32 -1.10 -19.56
N GLY B 231 -7.23 -2.28 -20.18
CA GLY B 231 -8.14 -2.64 -21.27
C GLY B 231 -8.02 -4.11 -21.58
N GLY B 232 -8.89 -4.54 -22.45
CA GLY B 232 -8.90 -5.92 -22.92
C GLY B 232 -9.69 -6.88 -22.07
N TYR B 233 -9.67 -8.15 -22.51
CA TYR B 233 -10.32 -9.20 -21.73
C TYR B 233 -9.33 -9.85 -20.76
N GLY B 234 -9.81 -10.33 -19.63
CA GLY B 234 -8.94 -11.03 -18.71
C GLY B 234 -9.39 -10.86 -17.29
N ASN B 235 -8.95 -11.81 -16.44
CA ASN B 235 -9.07 -11.67 -15.01
C ASN B 235 -7.74 -12.02 -14.36
N PRO B 236 -6.70 -11.25 -14.64
CA PRO B 236 -5.36 -11.58 -14.14
C PRO B 236 -5.21 -11.46 -12.66
N ALA B 237 -4.30 -12.31 -12.14
CA ALA B 237 -3.96 -12.34 -10.72
C ALA B 237 -2.45 -12.37 -10.52
N ILE B 238 -2.05 -11.93 -9.34
CA ILE B 238 -0.65 -11.99 -8.90
C ILE B 238 -0.66 -12.76 -7.60
N ASP B 239 0.16 -13.81 -7.58
CA ASP B 239 0.26 -14.68 -6.39
C ASP B 239 1.53 -14.44 -5.59
N CYS B 240 1.43 -14.15 -4.30
CA CYS B 240 2.64 -13.96 -3.53
C CYS B 240 2.84 -15.10 -2.53
N LEU B 241 4.06 -15.29 -2.12
CA LEU B 241 4.40 -16.39 -1.20
C LEU B 241 4.01 -16.08 0.20
N MET B 242 4.12 -14.82 0.59
CA MET B 242 3.69 -14.34 1.94
C MET B 242 3.22 -12.91 1.72
N PRO B 243 2.22 -12.45 2.45
CA PRO B 243 1.78 -11.06 2.33
C PRO B 243 2.81 -10.08 2.86
N GLN B 244 2.68 -8.83 2.43
CA GLN B 244 3.61 -7.80 2.86
C GLN B 244 3.66 -7.64 4.36
N GLU B 245 2.55 -7.82 5.06
CA GLU B 245 2.58 -7.66 6.51
C GLU B 245 3.41 -8.78 7.14
N TRP B 246 3.46 -9.97 6.53
CA TRP B 246 4.33 -11.01 7.07
C TRP B 246 5.78 -10.64 6.89
N VAL B 247 6.16 -10.11 5.72
CA VAL B 247 7.50 -9.63 5.52
C VAL B 247 7.87 -8.63 6.60
N GLN B 248 6.99 -7.65 6.81
CA GLN B 248 7.24 -6.62 7.82
C GLN B 248 7.40 -7.23 9.23
N HIS B 249 6.54 -8.17 9.57
CA HIS B 249 6.59 -8.81 10.91
C HIS B 249 7.89 -9.60 11.15
N LEU B 250 8.20 -10.43 10.15
CA LEU B 250 9.41 -11.27 10.28
C LEU B 250 10.65 -10.42 10.38
N TYR B 251 10.73 -9.34 9.59
CA TYR B 251 11.85 -8.46 9.66
C TYR B 251 12.02 -7.84 11.05
N GLN B 252 10.89 -7.41 11.62
CA GLN B 252 10.85 -6.76 12.96
C GLN B 252 11.34 -7.79 14.01
N GLU B 253 10.72 -8.97 13.96
CA GLU B 253 10.91 -9.98 15.05
C GLU B 253 12.29 -10.64 14.98
N SER B 254 12.70 -11.02 13.77
CA SER B 254 13.94 -11.78 13.58
C SER B 254 14.11 -12.95 14.55
N ALA B 255 13.05 -13.69 14.72
CA ALA B 255 13.09 -14.84 15.66
C ALA B 255 13.91 -15.97 15.07
N PRO B 256 14.71 -16.66 15.88
CA PRO B 256 15.54 -17.75 15.33
C PRO B 256 14.69 -18.89 14.81
N SER B 257 15.00 -19.40 13.63
CA SER B 257 14.26 -20.56 13.14
C SER B 257 14.76 -21.85 13.83
N LEU B 258 13.88 -22.61 14.48
CA LEU B 258 14.35 -23.77 15.24
C LEU B 258 14.40 -25.05 14.40
N SER B 259 13.78 -25.06 13.24
CA SER B 259 13.95 -26.16 12.28
C SER B 259 13.77 -25.51 10.88
N ASP B 260 13.74 -26.31 9.84
CA ASP B 260 13.54 -25.84 8.50
C ASP B 260 12.08 -25.65 8.12
N VAL B 261 11.17 -26.10 8.96
CA VAL B 261 9.78 -26.08 8.59
C VAL B 261 8.96 -25.78 9.81
N ALA B 262 8.13 -24.75 9.76
CA ALA B 262 7.15 -24.48 10.82
C ALA B 262 5.81 -25.12 10.41
N LEU B 263 5.06 -25.59 11.39
CA LEU B 263 3.67 -25.98 11.20
C LEU B 263 2.74 -24.86 11.64
N VAL B 264 1.84 -24.46 10.73
CA VAL B 264 0.91 -23.39 10.99
C VAL B 264 -0.53 -23.97 10.75
N ARG B 265 -1.48 -23.40 11.46
CA ARG B 265 -2.88 -23.83 11.33
C ARG B 265 -3.71 -22.64 10.95
N TYR B 266 -4.58 -22.81 9.94
CA TYR B 266 -5.53 -21.76 9.60
C TYR B 266 -6.74 -21.93 10.51
N VAL B 267 -7.01 -20.91 11.31
CA VAL B 267 -8.04 -21.06 12.33
C VAL B 267 -9.19 -20.08 12.11
N ASN B 268 -10.37 -20.57 12.48
CA ASN B 268 -11.56 -19.76 12.59
C ASN B 268 -11.64 -19.42 14.06
N PRO B 269 -11.40 -18.15 14.42
CA PRO B 269 -11.30 -17.73 15.82
C PRO B 269 -12.62 -17.89 16.57
N GLU B 270 -13.73 -17.64 15.89
CA GLU B 270 -15.04 -17.74 16.50
C GLU B 270 -15.31 -19.12 17.06
N THR B 271 -15.08 -20.14 16.24
CA THR B 271 -15.29 -21.52 16.66
C THR B 271 -14.03 -22.09 17.29
N GLY B 272 -12.92 -21.38 17.10
CA GLY B 272 -11.62 -21.84 17.55
C GLY B 272 -11.17 -23.04 16.75
N ARG B 273 -11.89 -23.36 15.68
CA ARG B 273 -11.59 -24.57 14.92
C ARG B 273 -10.50 -24.32 13.89
N THR B 274 -9.66 -25.32 13.70
CA THR B 274 -8.67 -25.29 12.64
C THR B 274 -9.30 -25.81 11.35
N LEU B 275 -9.20 -25.00 10.29
CA LEU B 275 -9.73 -25.36 8.99
C LEU B 275 -8.78 -26.22 8.17
N PHE B 276 -7.48 -25.96 8.28
CA PHE B 276 -6.47 -26.79 7.65
C PHE B 276 -5.13 -26.41 8.22
N GLU B 277 -4.12 -27.18 7.86
CA GLU B 277 -2.78 -26.84 8.32
C GLU B 277 -1.84 -26.77 7.10
N ALA B 278 -0.67 -26.13 7.29
CA ALA B 278 0.28 -25.88 6.21
C ALA B 278 1.67 -25.90 6.82
N LYS B 279 2.65 -26.17 5.96
CA LYS B 279 4.07 -26.04 6.32
C LYS B 279 4.50 -24.64 5.89
N LEU B 280 5.12 -23.91 6.82
CA LEU B 280 5.72 -22.61 6.52
C LEU B 280 7.25 -22.87 6.58
N HIS B 281 7.85 -22.83 5.39
CA HIS B 281 9.24 -23.19 5.19
C HIS B 281 10.16 -22.04 5.54
N ARG B 282 11.36 -22.38 6.03
CA ARG B 282 12.37 -21.40 6.47
C ARG B 282 12.61 -20.30 5.46
N ASN B 283 12.66 -20.62 4.18
CA ASN B 283 12.92 -19.60 3.16
C ASN B 283 11.75 -18.66 2.90
N GLY B 284 10.58 -18.93 3.50
CA GLY B 284 9.46 -17.98 3.50
C GLY B 284 8.41 -18.31 2.45
N PHE B 285 7.83 -19.50 2.53
CA PHE B 285 6.76 -19.92 1.65
C PHE B 285 5.97 -21.04 2.30
N LEU B 286 4.76 -21.25 1.82
CA LEU B 286 3.85 -22.26 2.37
C LEU B 286 3.60 -23.43 1.43
N THR B 287 3.49 -24.64 2.00
CA THR B 287 2.93 -25.74 1.21
C THR B 287 1.77 -26.36 2.00
N VAL B 288 0.90 -27.01 1.24
CA VAL B 288 -0.25 -27.73 1.81
C VAL B 288 -0.36 -29.08 1.07
N ALA B 289 -1.08 -30.02 1.68
CA ALA B 289 -1.41 -31.29 1.03
C ALA B 289 -2.76 -31.11 0.39
N ARG B 290 -2.77 -30.71 -0.87
CA ARG B 290 -4.01 -30.47 -1.59
C ARG B 290 -3.76 -30.96 -3.00
N ASN B 291 -4.73 -31.66 -3.57
CA ASN B 291 -4.50 -32.18 -4.93
C ASN B 291 -5.40 -31.54 -5.98
N SER B 292 -5.75 -30.28 -5.74
CA SER B 292 -6.64 -29.53 -6.62
C SER B 292 -6.13 -28.09 -6.78
N ALA B 293 -6.56 -27.47 -7.86
CA ALA B 293 -6.19 -26.08 -8.17
C ALA B 293 -7.38 -25.22 -7.85
N GLY B 294 -7.11 -23.96 -7.51
CA GLY B 294 -8.16 -22.98 -7.37
C GLY B 294 -8.15 -22.35 -5.98
N PRO B 295 -9.12 -21.51 -5.71
CA PRO B 295 -9.17 -20.86 -4.42
C PRO B 295 -9.43 -21.81 -3.28
N VAL B 296 -9.00 -21.46 -2.11
CA VAL B 296 -9.40 -22.11 -0.87
C VAL B 296 -10.61 -21.40 -0.37
N VAL B 297 -11.69 -22.09 -0.19
CA VAL B 297 -12.91 -21.48 0.28
C VAL B 297 -12.85 -21.49 1.81
N ALA B 298 -12.71 -20.30 2.37
N ALA B 298 -12.77 -20.34 2.46
CA ALA B 298 -12.65 -20.14 3.81
CA ALA B 298 -12.64 -20.38 3.92
C ALA B 298 -12.90 -18.66 4.11
C ALA B 298 -13.44 -19.25 4.60
N PRO B 299 -13.30 -18.36 5.33
N PRO B 299 -13.81 -19.44 5.87
CA PRO B 299 -13.69 -17.00 5.76
CA PRO B 299 -14.49 -18.34 6.57
C PRO B 299 -12.54 -16.05 5.72
C PRO B 299 -13.60 -17.11 6.60
N THR B 300 -12.77 -14.81 5.31
N THR B 300 -14.23 -15.96 6.41
CA THR B 300 -11.62 -13.92 5.22
CA THR B 300 -13.52 -14.70 6.30
C THR B 300 -11.26 -13.37 6.58
C THR B 300 -12.83 -14.30 7.60
N ASN B 301 -12.03 -13.70 7.61
N ASN B 301 -13.15 -14.93 8.72
CA ASN B 301 -11.62 -13.38 8.98
CA ASN B 301 -12.50 -14.65 10.00
C ASN B 301 -10.72 -14.46 9.55
C ASN B 301 -11.21 -15.46 10.27
N GLY B 302 -10.40 -15.47 8.77
N GLY B 302 -10.89 -16.42 9.41
CA GLY B 302 -9.56 -16.55 9.27
CA GLY B 302 -9.69 -17.23 9.55
C GLY B 302 -8.11 -16.14 9.33
C GLY B 302 -8.35 -16.48 9.36
N TYR B 303 -7.31 -16.94 10.05
CA TYR B 303 -5.92 -16.48 10.02
C TYR B 303 -4.98 -17.64 10.37
N PHE B 304 -3.73 -17.54 9.96
CA PHE B 304 -2.68 -18.53 10.31
C PHE B 304 -2.08 -18.31 11.66
N ARG B 305 -1.99 -19.40 12.42
CA ARG B 305 -1.39 -19.36 13.74
C ARG B 305 -0.21 -20.37 13.76
N PHE B 306 0.95 -19.93 14.24
CA PHE B 306 2.07 -20.86 14.41
C PHE B 306 1.75 -21.90 15.47
N ASP B 307 2.01 -23.17 15.15
CA ASP B 307 1.80 -24.29 16.07
C ASP B 307 3.12 -24.77 16.67
N SER B 308 4.06 -25.18 15.82
CA SER B 308 5.28 -25.80 16.33
C SER B 308 6.29 -25.94 15.21
N TRP B 309 7.57 -26.16 15.53
CA TRP B 309 8.54 -26.50 14.46
C TRP B 309 8.43 -27.99 14.12
N VAL B 310 8.37 -28.35 12.85
CA VAL B 310 8.41 -29.76 12.45
C VAL B 310 9.58 -30.01 11.49
N ASN B 311 9.49 -30.95 10.53
CA ASN B 311 10.59 -31.12 9.56
C ASN B 311 10.07 -31.50 8.19
N GLN B 312 10.99 -31.69 7.24
CA GLN B 312 10.57 -31.95 5.88
C GLN B 312 9.77 -33.23 5.74
N PHE B 313 9.92 -34.17 6.71
CA PHE B 313 9.20 -35.42 6.69
C PHE B 313 7.83 -35.43 7.36
N TYR B 314 7.41 -34.31 7.93
CA TYR B 314 6.13 -34.24 8.61
C TYR B 314 5.03 -34.37 7.57
N THR B 315 4.00 -35.15 7.85
CA THR B 315 2.92 -35.33 6.90
C THR B 315 1.75 -34.45 7.25
N LEU B 316 1.40 -33.52 6.35
CA LEU B 316 0.31 -32.62 6.63
C LEU B 316 -1.00 -33.32 6.52
N ALA B 317 -1.96 -32.92 7.34
CA ALA B 317 -3.34 -33.40 7.15
C ALA B 317 -3.84 -32.95 5.79
N PRO B 318 -4.39 -33.87 4.99
CA PRO B 318 -4.92 -33.48 3.67
C PRO B 318 -6.03 -32.45 3.72
N MET B 319 -6.04 -31.53 2.74
CA MET B 319 -7.12 -30.52 2.60
C MET B 319 -8.29 -30.98 1.78
C1 GAL C . -9.03 -2.63 -26.53
C2 GAL C . -9.47 -1.29 -25.97
C3 GAL C . -9.57 -0.27 -27.11
C4 GAL C . -8.38 -0.32 -28.06
C5 GAL C . -8.00 -1.74 -28.41
C6 GAL C . -6.70 -1.75 -29.22
O1 GAL C . -8.82 -3.57 -25.49
O2 GAL C . -10.73 -1.39 -25.33
O3 GAL C . -9.62 1.03 -26.56
O4 GAL C . -7.28 0.33 -27.48
O5 GAL C . -7.81 -2.46 -27.22
O6 GAL C . -6.30 -3.07 -29.53
C1 FUC C . -10.66 -1.70 -23.92
C2 FUC C . -11.68 -0.86 -23.16
C3 FUC C . -13.11 -1.20 -23.63
C4 FUC C . -13.34 -2.72 -23.55
C5 FUC C . -12.19 -3.46 -24.25
C6 FUC C . -12.32 -4.98 -24.20
O2 FUC C . -11.37 0.52 -23.33
O3 FUC C . -14.10 -0.57 -22.81
O4 FUC C . -13.46 -3.12 -22.18
O5 FUC C . -10.95 -3.06 -23.67
C1 EDO D . 8.83 12.38 -2.54
O1 EDO D . 8.50 13.20 -1.43
C2 EDO D . 9.90 11.39 -2.09
O2 EDO D . 9.20 10.39 -1.34
C1 EDO E . -9.39 -1.40 -2.00
O1 EDO E . -9.70 -1.02 -3.34
C2 EDO E . -8.06 -2.08 -1.98
O2 EDO E . -7.72 -2.39 -0.62
C1 EDO F . 15.72 -2.65 4.49
O1 EDO F . 15.44 -2.52 3.07
C2 EDO F . 14.57 -1.97 5.17
O2 EDO F . 14.90 -0.63 5.05
C1 EDO G . 10.83 7.95 1.64
O1 EDO G . 10.63 6.52 1.78
C2 EDO G . 12.24 8.16 1.05
O2 EDO G . 13.20 7.70 2.04
C1 EDO H . 0.16 22.03 2.78
O1 EDO H . 0.56 21.44 1.49
C2 EDO H . -0.25 21.01 3.83
O2 EDO H . -1.34 20.32 3.34
C1 EDO I . -17.01 15.69 -9.69
O1 EDO I . -17.29 14.38 -10.18
C2 EDO I . -17.09 15.50 -8.21
O2 EDO I . -16.05 14.53 -7.93
C1 EDO J . -9.17 -5.21 -10.30
O1 EDO J . -9.69 -4.79 -9.06
C2 EDO J . -9.41 -6.70 -10.32
O2 EDO J . -10.74 -7.20 -9.96
C1 EDO K . -13.46 -3.79 5.28
O1 EDO K . -14.60 -3.48 4.47
C2 EDO K . -13.02 -2.61 6.11
O2 EDO K . -12.51 -1.51 5.33
C1 EDO L . -10.09 -2.64 9.38
O1 EDO L . -9.00 -3.09 8.54
C2 EDO L . -10.34 -3.46 10.67
O2 EDO L . -9.93 -4.79 10.40
C1 EDO M . -0.03 1.55 -2.36
C1 EDO M . -0.92 1.60 -2.02
O1 EDO M . 0.84 2.70 -2.38
O1 EDO M . -1.79 0.68 -2.72
C2 EDO M . -0.40 1.08 -0.96
C2 EDO M . 0.19 0.90 -1.24
O2 EDO M . 0.81 1.28 -0.24
O2 EDO M . -0.60 0.00 -0.46
C1 EDO N . -17.56 20.21 1.39
O1 EDO N . -18.31 19.80 2.53
C2 EDO N . -16.27 20.89 1.84
O2 EDO N . -15.52 19.99 2.68
C1 EDO O . -11.25 15.72 -14.71
O1 EDO O . -12.07 16.52 -13.84
C2 EDO O . -11.50 16.11 -16.16
O2 EDO O . -11.73 17.51 -16.41
C1 EDO P . -7.52 7.76 -19.07
O1 EDO P . -7.99 7.78 -20.49
C2 EDO P . -7.28 9.13 -18.43
O2 EDO P . -7.45 10.45 -19.13
N1 IMD Q . -4.29 13.66 -19.19
C2 IMD Q . -3.65 14.83 -19.25
N3 IMD Q . -4.55 15.80 -19.52
C4 IMD Q . -5.76 15.22 -19.62
C5 IMD Q . -5.60 13.87 -19.40
N1 IMD R . -12.32 1.53 12.30
C2 IMD R . -12.75 2.74 12.61
N3 IMD R . -13.85 2.71 13.41
C4 IMD R . -14.04 1.41 13.70
C5 IMD R . -13.11 0.67 13.01
C1 EDO S . 8.21 4.96 -3.85
O1 EDO S . 7.91 5.79 -4.96
C2 EDO S . 7.25 5.25 -2.75
O2 EDO S . 7.58 4.42 -1.63
C1 EDO T . 15.44 2.32 -0.01
O1 EDO T . 16.01 2.92 -1.19
C2 EDO T . 15.20 0.83 -0.23
O2 EDO T . 14.17 0.55 -1.18
C1 EDO U . 0.59 4.04 -25.08
O1 EDO U . 0.47 3.34 -26.32
C2 EDO U . 1.21 3.13 -24.04
O2 EDO U . 2.23 2.36 -24.69
C1 EDO V . -1.88 -15.81 -12.97
O1 EDO V . -0.99 -14.77 -13.20
C2 EDO V . -2.93 -15.78 -14.09
O2 EDO V . -3.68 -14.54 -14.13
C1 EDO W . -9.87 -7.77 0.08
O1 EDO W . -9.41 -6.82 1.11
C2 EDO W . -11.41 -7.81 0.11
O2 EDO W . -11.78 -8.36 1.42
C1 EDO X . 26.75 -7.26 -7.87
O1 EDO X . 25.58 -7.72 -8.57
C2 EDO X . 27.56 -8.37 -7.21
O2 EDO X . 26.71 -9.41 -6.67
C1 EDO Y . 5.35 13.88 -4.88
O1 EDO Y . 6.00 12.65 -5.21
C2 EDO Y . 6.31 15.00 -5.19
O2 EDO Y . 7.44 14.93 -4.32
C1 EDO Z . -2.30 -13.51 8.55
O1 EDO Z . -1.61 -12.82 9.61
C2 EDO Z . -2.59 -15.02 8.78
O2 EDO Z . -3.12 -15.81 7.69
C1 EDO AA . 0.03 -13.67 -21.89
O1 EDO AA . 0.30 -12.31 -22.28
C2 EDO AA . 1.07 -14.55 -22.59
O2 EDO AA . 2.31 -14.56 -21.85
N1 IMD BA . -5.32 6.48 -22.89
C2 IMD BA . -6.18 6.73 -21.90
N3 IMD BA . -7.23 5.94 -22.19
C4 IMD BA . -7.08 5.18 -23.26
C5 IMD BA . -5.82 5.54 -23.71
N1 IMD CA . 16.42 -6.51 0.57
C2 IMD CA . 16.61 -7.47 -0.32
N3 IMD CA . 17.92 -7.85 -0.32
C4 IMD CA . 18.50 -7.14 0.66
C5 IMD CA . 17.57 -6.28 1.25
#